data_3L0O
#
_entry.id   3L0O
#
_cell.length_a   139.000
_cell.length_b   139.000
_cell.length_c   150.000
_cell.angle_alpha   90.00
_cell.angle_beta   90.00
_cell.angle_gamma   90.00
#
_symmetry.space_group_name_H-M   'P 43 2 2'
#
loop_
_entity.id
_entity.type
_entity.pdbx_description
1 polymer 'Transcription termination factor rho'
2 non-polymer 'URANYL (VI) ION'
3 non-polymer 'SULFATE ION'
4 non-polymer 'SODIUM ION'
5 water water
#
_entity_poly.entity_id   1
_entity_poly.type   'polypeptide(L)'
_entity_poly.pdbx_seq_one_letter_code
;MSEEQKTISISELESMNIKQLYEIAKSLGIPRYTSMRKRDLIFAILKAQTESTGYFFGEGVLEIHPEGFGFLRRIEDNLL
PSNDDIYISPSQIRKFNLNTGDIISGVIRKPKEGEKYFAMIKIEAINYRPVEAVNDRVNFDNLTPDYPRERFILETDPKI
YSTRLIDLFAPIGKGQRGMIVAPPKAGKTTILKEIANGIAENHPDTIRIILLIDERPEEVTDIRESTNAIVIAAPFDMPP
DKQVKVAELTLEMAKRLVEFNYDVVILLDSLTRLARVYNIVVPPSGKLLTGGVDPAALYKPKRFFGAARNTREGGSLTII
ATALVETGSKMDEVIFEEFKGTGNMELVLSRQLANKRIFPAINLLLSGTRREELLLDEETLKKVWLLRRMLSAMTEEEGL
TLILNKLSETSSNEEFLKLIDKEKARY
;
_entity_poly.pdbx_strand_id   A,B
#
# COMPACT_ATOMS: atom_id res chain seq x y z
N GLU A 4 -14.06 -25.99 1.29
CA GLU A 4 -14.68 -24.78 1.91
C GLU A 4 -15.95 -24.32 1.18
N GLN A 5 -16.20 -25.00 0.07
CA GLN A 5 -17.07 -24.61 -1.06
C GLN A 5 -18.34 -23.80 -0.80
N LYS A 6 -19.45 -24.47 -0.49
CA LYS A 6 -19.45 -25.88 -0.11
C LYS A 6 -20.39 -26.06 1.07
N THR A 7 -20.00 -25.50 2.22
CA THR A 7 -18.71 -24.83 2.34
C THR A 7 -18.34 -24.45 3.77
N ILE A 8 -18.99 -23.42 4.34
CA ILE A 8 -20.10 -22.68 3.72
C ILE A 8 -21.23 -23.51 3.08
N SER A 9 -21.80 -23.05 1.97
CA SER A 9 -23.18 -23.41 1.66
C SER A 9 -23.96 -23.88 2.90
N ILE A 10 -23.45 -24.90 3.56
CA ILE A 10 -23.99 -25.38 4.81
C ILE A 10 -23.94 -24.23 5.76
N SER A 11 -22.81 -23.55 5.72
CA SER A 11 -22.54 -22.40 6.54
C SER A 11 -23.58 -21.27 6.40
N GLU A 12 -23.95 -20.91 5.17
CA GLU A 12 -24.90 -19.82 4.95
C GLU A 12 -26.24 -20.15 5.59
N LEU A 13 -26.69 -21.37 5.31
CA LEU A 13 -27.96 -21.89 5.79
C LEU A 13 -27.97 -21.99 7.33
N GLU A 14 -26.86 -22.40 7.92
CA GLU A 14 -26.74 -22.47 9.38
C GLU A 14 -27.01 -21.14 10.02
N SER A 15 -26.51 -20.08 9.41
CA SER A 15 -26.60 -18.76 10.05
C SER A 15 -27.98 -18.17 9.93
N MET A 16 -28.81 -18.74 9.07
CA MET A 16 -30.12 -18.16 8.88
C MET A 16 -31.01 -18.51 10.05
N ASN A 17 -31.78 -17.53 10.52
CA ASN A 17 -32.81 -17.82 11.47
C ASN A 17 -33.83 -18.76 10.82
N ILE A 18 -34.56 -19.46 11.68
CA ILE A 18 -35.49 -20.51 11.28
C ILE A 18 -36.57 -20.02 10.31
N LYS A 19 -37.07 -18.82 10.55
CA LYS A 19 -38.13 -18.29 9.72
C LYS A 19 -37.69 -18.30 8.27
N GLN A 20 -36.49 -17.78 8.03
CA GLN A 20 -35.95 -17.74 6.70
C GLN A 20 -35.71 -19.12 6.13
N LEU A 21 -35.06 -19.99 6.89
CA LEU A 21 -34.82 -21.36 6.41
C LEU A 21 -36.13 -22.02 6.04
N TYR A 22 -37.16 -21.71 6.80
CA TYR A 22 -38.50 -22.25 6.57
C TYR A 22 -39.12 -21.75 5.28
N GLU A 23 -38.96 -20.46 5.03
CA GLU A 23 -39.45 -19.92 3.78
C GLU A 23 -38.80 -20.63 2.60
N ILE A 24 -37.48 -20.83 2.65
CA ILE A 24 -36.78 -21.56 1.58
C ILE A 24 -37.28 -22.99 1.42
N ALA A 25 -37.39 -23.69 2.54
CA ALA A 25 -37.81 -25.10 2.49
C ALA A 25 -39.22 -25.22 1.89
N LYS A 26 -40.09 -24.28 2.23
CA LYS A 26 -41.42 -24.26 1.62
C LYS A 26 -41.29 -24.05 0.11
N SER A 27 -40.72 -22.92 -0.27
CA SER A 27 -40.44 -22.67 -1.69
C SER A 27 -39.96 -23.93 -2.38
N LEU A 28 -39.12 -24.71 -1.74
CA LEU A 28 -38.54 -25.86 -2.43
C LEU A 28 -39.49 -27.05 -2.41
N GLY A 29 -40.57 -26.91 -1.66
CA GLY A 29 -41.47 -28.02 -1.45
C GLY A 29 -40.82 -29.22 -0.78
N ILE A 30 -40.02 -29.01 0.26
CA ILE A 30 -39.55 -30.12 1.06
C ILE A 30 -40.71 -30.67 1.90
N PRO A 31 -40.96 -31.96 1.78
CA PRO A 31 -42.05 -32.57 2.50
C PRO A 31 -41.73 -32.66 3.99
N ARG A 32 -42.42 -31.87 4.82
CA ARG A 32 -42.42 -32.03 6.28
C ARG A 32 -41.29 -31.30 6.95
N TYR A 33 -40.84 -30.25 6.34
CA TYR A 33 -39.70 -29.56 6.83
C TYR A 33 -39.72 -29.18 8.33
N THR A 34 -40.90 -28.96 8.91
CA THR A 34 -40.98 -28.64 10.36
C THR A 34 -40.58 -29.78 11.28
N SER A 35 -40.65 -31.01 10.79
CA SER A 35 -40.42 -32.16 11.63
C SER A 35 -38.98 -32.51 11.61
N MET A 36 -38.25 -31.87 10.71
CA MET A 36 -36.87 -32.23 10.49
C MET A 36 -35.94 -31.56 11.46
N ARG A 37 -34.92 -32.28 11.88
CA ARG A 37 -33.81 -31.69 12.56
C ARG A 37 -33.09 -30.73 11.61
N LYS A 38 -32.78 -29.55 12.11
CA LYS A 38 -32.24 -28.47 11.31
C LYS A 38 -31.17 -28.90 10.32
N ARG A 39 -30.13 -29.55 10.84
CA ARG A 39 -29.04 -30.00 10.01
C ARG A 39 -29.57 -30.87 8.85
N ASP A 40 -30.46 -31.82 9.18
CA ASP A 40 -31.21 -32.57 8.16
C ASP A 40 -31.94 -31.68 7.16
N LEU A 41 -32.68 -30.70 7.64
CA LEU A 41 -33.37 -29.80 6.72
C LEU A 41 -32.37 -29.14 5.74
N ILE A 42 -31.24 -28.68 6.25
CA ILE A 42 -30.22 -28.06 5.44
C ILE A 42 -29.67 -29.02 4.41
N PHE A 43 -29.45 -30.27 4.76
CA PHE A 43 -29.02 -31.17 3.72
C PHE A 43 -30.07 -31.34 2.61
N ALA A 44 -31.34 -31.49 2.99
CA ALA A 44 -32.41 -31.58 2.02
C ALA A 44 -32.49 -30.35 1.14
N ILE A 45 -32.33 -29.16 1.73
CA ILE A 45 -32.34 -27.92 0.94
C ILE A 45 -31.25 -27.92 -0.13
N LEU A 46 -30.04 -28.34 0.24
CA LEU A 46 -28.98 -28.42 -0.74
C LEU A 46 -29.24 -29.52 -1.77
N LYS A 47 -29.87 -30.61 -1.34
CA LYS A 47 -30.04 -31.75 -2.23
C LYS A 47 -31.04 -31.50 -3.36
N ALA A 48 -31.88 -30.49 -3.17
CA ALA A 48 -32.92 -30.16 -4.15
C ALA A 48 -32.35 -29.93 -5.55
N GLN A 49 -31.20 -29.27 -5.63
CA GLN A 49 -30.56 -29.00 -6.90
C GLN A 49 -30.68 -30.19 -7.82
N THR A 50 -30.27 -31.34 -7.31
CA THR A 50 -30.06 -32.53 -8.12
C THR A 50 -31.23 -33.50 -8.03
N GLU A 51 -32.41 -33.02 -7.70
CA GLU A 51 -33.59 -33.87 -7.73
C GLU A 51 -34.53 -33.38 -8.83
N SER A 52 -35.83 -33.56 -8.69
CA SER A 52 -36.73 -33.19 -9.78
C SER A 52 -37.77 -32.23 -9.29
N THR A 53 -37.33 -31.08 -8.81
CA THR A 53 -38.28 -30.16 -8.23
C THR A 53 -38.23 -28.84 -8.97
N GLY A 54 -37.12 -28.60 -9.67
CA GLY A 54 -37.01 -27.39 -10.49
C GLY A 54 -36.93 -26.08 -9.69
N TYR A 55 -36.96 -26.18 -8.37
CA TYR A 55 -36.54 -25.08 -7.52
C TYR A 55 -35.43 -25.58 -6.62
N PHE A 56 -34.30 -24.90 -6.61
CA PHE A 56 -33.24 -25.28 -5.68
C PHE A 56 -32.64 -24.07 -4.98
N PHE A 57 -31.56 -24.28 -4.26
CA PHE A 57 -30.95 -23.20 -3.53
C PHE A 57 -29.56 -23.03 -4.08
N GLY A 58 -29.28 -21.86 -4.63
CA GLY A 58 -28.02 -21.68 -5.32
C GLY A 58 -27.40 -20.33 -5.08
N GLU A 59 -26.23 -20.13 -5.66
CA GLU A 59 -25.51 -18.88 -5.52
C GLU A 59 -24.55 -18.74 -6.66
N GLY A 60 -24.06 -17.52 -6.81
CA GLY A 60 -22.95 -17.30 -7.66
C GLY A 60 -22.63 -15.85 -7.54
N VAL A 61 -21.75 -15.37 -8.42
CA VAL A 61 -21.27 -14.01 -8.28
C VAL A 61 -21.65 -13.09 -9.45
N LEU A 62 -22.30 -11.99 -9.10
CA LEU A 62 -22.89 -11.03 -10.04
C LEU A 62 -21.87 -10.40 -10.97
N GLU A 63 -22.13 -10.56 -12.27
CA GLU A 63 -21.62 -9.67 -13.29
C GLU A 63 -22.82 -8.89 -13.73
N ILE A 64 -22.76 -7.58 -13.52
CA ILE A 64 -23.81 -6.73 -14.03
C ILE A 64 -23.43 -6.23 -15.41
N HIS A 65 -24.25 -6.55 -16.41
CA HIS A 65 -24.01 -6.17 -17.81
C HIS A 65 -24.37 -4.71 -18.05
N PRO A 66 -23.73 -4.08 -19.06
CA PRO A 66 -23.98 -2.67 -19.32
C PRO A 66 -25.47 -2.34 -19.37
N GLU A 67 -26.28 -3.22 -19.92
CA GLU A 67 -27.70 -2.93 -20.12
C GLU A 67 -28.44 -2.89 -18.78
N GLY A 68 -27.77 -3.29 -17.70
CA GLY A 68 -28.38 -3.23 -16.38
C GLY A 68 -29.12 -4.46 -15.90
N PHE A 69 -28.95 -5.58 -16.59
CA PHE A 69 -29.35 -6.88 -16.06
C PHE A 69 -28.04 -7.63 -15.75
N GLY A 70 -28.16 -8.78 -15.06
CA GLY A 70 -26.99 -9.52 -14.67
C GLY A 70 -27.12 -11.03 -14.68
N PHE A 71 -25.97 -11.70 -14.62
CA PHE A 71 -25.86 -13.13 -14.43
C PHE A 71 -24.96 -13.39 -13.24
N LEU A 72 -25.18 -14.52 -12.59
CA LEU A 72 -24.35 -14.93 -11.52
C LEU A 72 -23.41 -15.93 -12.11
N ARG A 73 -22.10 -15.64 -12.11
CA ARG A 73 -21.09 -16.58 -12.53
C ARG A 73 -20.90 -17.57 -11.43
N ARG A 74 -20.29 -18.70 -11.73
CA ARG A 74 -20.19 -19.76 -10.75
C ARG A 74 -18.74 -20.14 -10.49
N ILE A 75 -18.43 -20.21 -9.21
CA ILE A 75 -17.14 -20.60 -8.73
C ILE A 75 -16.78 -21.93 -9.33
N GLU A 76 -17.74 -22.82 -9.44
CA GLU A 76 -17.44 -24.10 -9.97
C GLU A 76 -16.84 -24.06 -11.36
N ASP A 77 -17.09 -23.01 -12.14
CA ASP A 77 -16.62 -22.95 -13.53
C ASP A 77 -15.53 -21.92 -13.68
N ASN A 78 -14.91 -21.56 -12.56
CA ASN A 78 -13.92 -20.50 -12.52
C ASN A 78 -14.38 -19.16 -13.07
N LEU A 79 -15.66 -19.02 -13.44
CA LEU A 79 -16.33 -17.73 -13.52
C LEU A 79 -16.30 -16.89 -14.79
N LEU A 80 -15.99 -17.31 -16.00
CA LEU A 80 -16.41 -18.47 -16.75
C LEU A 80 -17.91 -18.64 -16.96
N PRO A 81 -18.30 -18.27 -18.17
CA PRO A 81 -19.60 -18.30 -18.86
C PRO A 81 -20.22 -19.69 -18.97
N SER A 82 -21.52 -19.74 -18.68
CA SER A 82 -22.53 -20.80 -18.98
C SER A 82 -23.80 -19.92 -18.85
N ASN A 83 -25.04 -20.37 -19.01
CA ASN A 83 -25.60 -21.62 -18.50
C ASN A 83 -24.65 -22.73 -18.23
N ASP A 84 -24.70 -23.18 -16.98
CA ASP A 84 -25.80 -22.83 -16.07
C ASP A 84 -25.68 -21.53 -15.24
N ASP A 85 -25.45 -20.38 -15.86
CA ASP A 85 -25.40 -19.14 -15.04
C ASP A 85 -26.80 -18.73 -14.65
N ILE A 86 -26.93 -17.82 -13.71
CA ILE A 86 -28.24 -17.52 -13.19
C ILE A 86 -28.55 -16.11 -13.52
N TYR A 87 -29.70 -15.90 -14.15
CA TYR A 87 -30.12 -14.59 -14.59
C TYR A 87 -30.58 -13.71 -13.42
N ILE A 88 -30.15 -12.45 -13.40
CA ILE A 88 -30.62 -11.49 -12.41
C ILE A 88 -31.24 -10.28 -13.12
N SER A 89 -32.42 -9.89 -12.72
CA SER A 89 -33.15 -8.87 -13.45
C SER A 89 -32.73 -7.50 -12.99
N PRO A 90 -33.11 -6.47 -13.75
CA PRO A 90 -32.73 -5.10 -13.39
C PRO A 90 -33.49 -4.67 -12.16
N SER A 91 -34.71 -5.16 -12.05
CA SER A 91 -35.53 -4.98 -10.89
C SER A 91 -34.77 -5.42 -9.61
N GLN A 92 -34.16 -6.58 -9.67
CA GLN A 92 -33.40 -7.10 -8.55
C GLN A 92 -32.19 -6.25 -8.23
N ILE A 93 -31.41 -5.96 -9.26
CA ILE A 93 -30.22 -5.16 -9.11
C ILE A 93 -30.58 -3.80 -8.52
N ARG A 94 -31.68 -3.23 -8.98
CA ARG A 94 -32.05 -1.91 -8.50
C ARG A 94 -32.55 -2.02 -7.08
N LYS A 95 -33.55 -2.85 -6.88
CA LYS A 95 -34.20 -2.92 -5.58
C LYS A 95 -33.25 -3.31 -4.46
N PHE A 96 -32.34 -4.24 -4.72
CA PHE A 96 -31.39 -4.66 -3.70
C PHE A 96 -30.07 -3.88 -3.78
N ASN A 97 -29.98 -2.94 -4.72
CA ASN A 97 -28.79 -2.14 -4.80
C ASN A 97 -27.53 -3.02 -4.95
N LEU A 98 -27.59 -3.98 -5.85
CA LEU A 98 -26.53 -4.95 -5.98
C LEU A 98 -25.37 -4.37 -6.80
N ASN A 99 -24.19 -4.95 -6.66
CA ASN A 99 -23.03 -4.54 -7.43
C ASN A 99 -22.28 -5.70 -8.03
N THR A 100 -21.56 -5.45 -9.12
CA THR A 100 -20.68 -6.50 -9.63
C THR A 100 -19.77 -7.03 -8.52
N GLY A 101 -19.66 -8.34 -8.43
CA GLY A 101 -18.86 -8.95 -7.38
C GLY A 101 -19.69 -9.58 -6.27
N ASP A 102 -20.85 -9.03 -5.97
CA ASP A 102 -21.72 -9.57 -4.92
C ASP A 102 -22.01 -11.06 -5.07
N ILE A 103 -22.00 -11.76 -3.95
CA ILE A 103 -22.40 -13.14 -3.96
C ILE A 103 -23.88 -13.14 -3.62
N ILE A 104 -24.68 -13.65 -4.55
CA ILE A 104 -26.13 -13.68 -4.36
C ILE A 104 -26.56 -15.11 -4.15
N SER A 105 -27.33 -15.33 -3.10
CA SER A 105 -27.83 -16.67 -2.80
C SER A 105 -29.36 -16.66 -2.80
N GLY A 106 -29.94 -17.80 -3.18
CA GLY A 106 -31.39 -17.85 -3.24
C GLY A 106 -32.03 -19.08 -3.83
N VAL A 107 -33.35 -19.01 -3.92
CA VAL A 107 -34.12 -20.06 -4.55
C VAL A 107 -34.22 -19.78 -6.04
N ILE A 108 -33.72 -20.73 -6.81
CA ILE A 108 -33.54 -20.59 -8.22
C ILE A 108 -34.44 -21.54 -9.00
N ARG A 109 -35.16 -21.00 -9.97
CA ARG A 109 -36.00 -21.81 -10.87
C ARG A 109 -35.11 -22.40 -11.96
N LYS A 110 -35.25 -23.70 -12.22
CA LYS A 110 -34.47 -24.35 -13.28
C LYS A 110 -35.07 -24.09 -14.65
N PRO A 111 -34.32 -24.40 -15.72
CA PRO A 111 -34.85 -24.23 -17.05
C PRO A 111 -36.20 -24.94 -17.19
N LYS A 112 -37.23 -24.16 -17.49
CA LYS A 112 -38.60 -24.61 -17.67
C LYS A 112 -38.78 -24.57 -19.18
N GLU A 113 -39.76 -25.31 -19.71
CA GLU A 113 -39.82 -25.47 -21.16
C GLU A 113 -41.00 -24.81 -21.88
N GLY A 114 -41.58 -23.73 -21.33
CA GLY A 114 -41.14 -23.09 -20.09
C GLY A 114 -40.38 -21.78 -20.32
N GLU A 115 -39.40 -21.55 -19.46
CA GLU A 115 -38.49 -20.40 -19.51
C GLU A 115 -37.13 -20.94 -19.08
N LYS A 116 -36.23 -21.14 -20.03
CA LYS A 116 -35.08 -21.99 -19.79
C LYS A 116 -33.85 -21.37 -20.39
N TYR A 117 -33.04 -20.52 -19.77
CA TYR A 117 -32.61 -20.24 -18.37
C TYR A 117 -33.00 -20.69 -16.94
N PHE A 118 -32.00 -20.46 -16.07
CA PHE A 118 -32.09 -20.45 -14.60
C PHE A 118 -32.42 -19.05 -14.09
N ALA A 119 -33.51 -18.91 -13.34
CA ALA A 119 -33.87 -17.60 -12.80
C ALA A 119 -33.79 -17.53 -11.26
N MET A 120 -33.32 -16.39 -10.77
CA MET A 120 -33.27 -16.16 -9.35
C MET A 120 -34.63 -15.60 -9.04
N ILE A 121 -35.50 -16.42 -8.45
CA ILE A 121 -36.86 -15.95 -8.23
C ILE A 121 -37.00 -15.35 -6.85
N LYS A 122 -36.07 -15.65 -5.97
CA LYS A 122 -36.12 -15.18 -4.59
C LYS A 122 -34.72 -15.07 -3.96
N ILE A 123 -34.29 -13.85 -3.70
CA ILE A 123 -32.98 -13.61 -3.10
C ILE A 123 -32.96 -13.76 -1.57
N GLU A 124 -32.14 -14.65 -1.06
CA GLU A 124 -32.09 -14.93 0.36
C GLU A 124 -30.87 -14.34 1.08
N ALA A 125 -29.72 -14.30 0.42
CA ALA A 125 -28.54 -13.68 1.03
C ALA A 125 -27.71 -12.93 0.02
N ILE A 126 -27.07 -11.87 0.50
CA ILE A 126 -26.13 -11.11 -0.29
C ILE A 126 -24.83 -11.15 0.45
N ASN A 127 -23.77 -11.62 -0.20
CA ASN A 127 -22.48 -11.80 0.46
C ASN A 127 -22.65 -12.55 1.77
N TYR A 128 -23.49 -13.57 1.75
CA TYR A 128 -23.69 -14.50 2.86
C TYR A 128 -24.45 -13.91 4.04
N ARG A 129 -24.66 -12.61 4.03
CA ARG A 129 -25.48 -11.99 5.04
C ARG A 129 -26.95 -11.95 4.62
N PRO A 130 -27.85 -12.46 5.47
CA PRO A 130 -29.26 -12.24 5.18
C PRO A 130 -29.60 -10.79 4.81
N VAL A 131 -30.69 -10.61 4.09
CA VAL A 131 -30.87 -9.46 3.23
C VAL A 131 -30.59 -8.12 3.88
N ASP A 136 -26.86 1.38 3.65
CA ASP A 136 -26.27 0.08 3.93
C ASP A 136 -24.76 0.08 3.64
N ARG A 137 -24.42 -0.08 2.36
CA ARG A 137 -23.06 -0.40 1.92
C ARG A 137 -22.14 0.82 1.74
N VAL A 138 -20.97 0.78 2.39
CA VAL A 138 -19.91 1.75 2.08
C VAL A 138 -19.01 1.15 1.01
N ASN A 139 -18.54 1.94 0.07
CA ASN A 139 -17.71 1.36 -0.97
C ASN A 139 -16.30 0.99 -0.49
N PHE A 140 -15.76 -0.09 -1.02
CA PHE A 140 -14.43 -0.52 -0.69
C PHE A 140 -13.46 0.65 -0.78
N ASP A 141 -13.58 1.43 -1.84
CA ASP A 141 -12.69 2.56 -2.03
C ASP A 141 -12.84 3.68 -1.02
N ASN A 142 -13.88 3.69 -0.21
CA ASN A 142 -14.00 4.79 0.74
C ASN A 142 -13.63 4.39 2.16
N LEU A 143 -13.23 3.14 2.32
CA LEU A 143 -12.82 2.66 3.63
C LEU A 143 -11.42 3.13 3.90
N THR A 144 -11.06 3.27 5.17
CA THR A 144 -9.72 3.75 5.50
C THR A 144 -8.73 2.60 5.55
N PRO A 145 -7.74 2.62 4.68
CA PRO A 145 -6.74 1.58 4.63
C PRO A 145 -5.84 1.69 5.83
N ASP A 146 -5.43 0.55 6.37
CA ASP A 146 -4.66 0.52 7.55
C ASP A 146 -3.78 -0.72 7.55
N TYR A 147 -2.80 -0.67 8.43
CA TYR A 147 -2.01 -1.84 8.74
C TYR A 147 -2.84 -2.94 9.38
N PRO A 148 -2.44 -4.20 9.16
CA PRO A 148 -3.13 -5.23 9.92
C PRO A 148 -3.02 -4.99 11.41
N ARG A 149 -4.06 -5.29 12.18
CA ARG A 149 -3.95 -5.13 13.64
C ARG A 149 -4.32 -6.36 14.44
N GLU A 150 -4.73 -7.39 13.71
CA GLU A 150 -4.94 -8.71 14.26
C GLU A 150 -4.07 -9.67 13.44
N ARG A 151 -3.41 -10.62 14.07
CA ARG A 151 -2.58 -11.57 13.28
C ARG A 151 -3.31 -12.84 12.81
N PHE A 152 -2.83 -13.45 11.73
CA PHE A 152 -3.23 -14.80 11.46
C PHE A 152 -2.27 -15.64 12.26
N ILE A 153 -2.74 -16.66 12.95
CA ILE A 153 -1.85 -17.65 13.51
C ILE A 153 -1.86 -18.81 12.54
N LEU A 154 -0.76 -19.02 11.82
CA LEU A 154 -0.66 -20.08 10.84
C LEU A 154 -0.24 -21.43 11.39
N GLU A 155 0.52 -21.42 12.48
CA GLU A 155 1.06 -22.63 13.11
C GLU A 155 -0.02 -23.64 13.45
N THR A 156 0.15 -24.88 12.99
CA THR A 156 -0.75 -25.98 13.38
C THR A 156 0.07 -27.16 13.88
N ASP A 157 0.24 -28.16 13.03
CA ASP A 157 1.08 -29.31 13.37
C ASP A 157 2.56 -28.92 13.52
N PRO A 158 3.16 -29.29 14.66
CA PRO A 158 4.55 -29.01 15.02
C PRO A 158 5.59 -29.35 13.97
N LYS A 159 5.28 -30.24 13.04
CA LYS A 159 6.22 -30.62 12.00
C LYS A 159 6.02 -29.79 10.76
N ILE A 160 5.03 -28.92 10.78
CA ILE A 160 4.82 -28.04 9.63
C ILE A 160 5.64 -26.78 9.84
N TYR A 161 6.89 -26.87 9.44
CA TYR A 161 7.87 -25.85 9.76
C TYR A 161 7.67 -24.51 9.06
N SER A 162 7.28 -24.50 7.80
CA SER A 162 7.09 -23.23 7.12
C SER A 162 6.22 -22.25 7.94
N THR A 163 5.17 -22.76 8.57
CA THR A 163 4.24 -21.87 9.21
C THR A 163 4.77 -21.44 10.56
N ARG A 164 5.58 -22.28 11.18
CA ARG A 164 6.14 -21.91 12.45
C ARG A 164 7.13 -20.77 12.26
N LEU A 165 7.84 -20.79 11.17
CA LEU A 165 8.79 -19.77 10.87
C LEU A 165 8.09 -18.48 10.45
N ILE A 166 7.04 -18.61 9.63
CA ILE A 166 6.34 -17.44 9.19
C ILE A 166 5.79 -16.69 10.39
N ASP A 167 5.19 -17.43 11.32
CA ASP A 167 4.59 -16.84 12.52
C ASP A 167 5.64 -16.07 13.28
N LEU A 168 6.88 -16.54 13.26
CA LEU A 168 7.92 -15.86 14.03
C LEU A 168 8.63 -14.83 13.23
N PHE A 169 9.07 -15.17 12.04
CA PHE A 169 9.97 -14.26 11.32
C PHE A 169 9.30 -13.34 10.32
N ALA A 170 8.12 -13.70 9.85
CA ALA A 170 7.43 -12.88 8.84
C ALA A 170 5.94 -13.01 9.00
N PRO A 171 5.44 -12.61 10.17
CA PRO A 171 4.03 -12.73 10.52
C PRO A 171 3.14 -12.13 9.44
N ILE A 172 2.06 -12.82 9.15
CA ILE A 172 1.04 -12.36 8.29
C ILE A 172 -0.18 -11.99 9.15
N GLY A 173 -0.71 -10.78 8.98
CA GLY A 173 -1.98 -10.43 9.64
C GLY A 173 -3.10 -10.13 8.66
N LYS A 174 -4.28 -9.85 9.22
CA LYS A 174 -5.44 -9.60 8.41
C LYS A 174 -5.34 -8.25 7.77
N GLY A 175 -5.16 -8.28 6.45
CA GLY A 175 -4.93 -7.08 5.68
C GLY A 175 -3.56 -7.04 5.04
N GLN A 176 -2.79 -8.13 5.15
CA GLN A 176 -1.42 -8.13 4.67
C GLN A 176 -1.37 -8.08 3.17
N ARG A 177 -0.38 -7.36 2.67
CA ARG A 177 0.00 -7.41 1.28
C ARG A 177 1.33 -8.12 1.27
N GLY A 178 1.32 -9.42 1.02
CA GLY A 178 2.50 -10.23 1.26
C GLY A 178 3.08 -10.69 -0.06
N MET A 179 4.40 -10.86 -0.10
CA MET A 179 5.04 -11.32 -1.30
C MET A 179 5.94 -12.49 -1.01
N ILE A 180 5.63 -13.65 -1.58
CA ILE A 180 6.55 -14.78 -1.47
C ILE A 180 7.51 -14.73 -2.65
N VAL A 181 8.76 -14.43 -2.38
CA VAL A 181 9.79 -14.32 -3.42
C VAL A 181 10.30 -15.72 -3.70
N ALA A 182 10.04 -16.20 -4.90
CA ALA A 182 10.26 -17.58 -5.24
C ALA A 182 11.12 -17.72 -6.49
N PRO A 183 12.37 -18.08 -6.32
CA PRO A 183 13.06 -18.55 -7.50
C PRO A 183 12.47 -19.93 -7.87
N PRO A 184 12.79 -20.47 -9.07
CA PRO A 184 12.25 -21.78 -9.47
C PRO A 184 12.55 -22.94 -8.53
N LYS A 185 11.51 -23.51 -7.97
CA LYS A 185 11.57 -24.84 -7.44
C LYS A 185 12.46 -25.05 -6.25
N ALA A 186 12.44 -24.20 -5.23
CA ALA A 186 11.41 -23.24 -4.91
C ALA A 186 10.70 -23.87 -3.73
N GLY A 187 9.59 -24.54 -4.01
CA GLY A 187 8.76 -25.13 -2.98
C GLY A 187 7.68 -24.15 -2.62
N LYS A 188 7.39 -23.23 -3.54
CA LYS A 188 6.43 -22.16 -3.27
C LYS A 188 5.00 -22.66 -3.21
N THR A 189 4.69 -23.72 -3.95
CA THR A 189 3.32 -24.21 -4.01
C THR A 189 2.87 -24.75 -2.67
N THR A 190 3.76 -25.51 -2.05
CA THR A 190 3.55 -26.05 -0.73
C THR A 190 3.42 -24.98 0.35
N ILE A 191 4.15 -23.88 0.20
CA ILE A 191 4.05 -22.81 1.18
C ILE A 191 2.62 -22.30 1.15
N LEU A 192 2.15 -21.97 -0.06
CA LEU A 192 0.77 -21.54 -0.26
C LEU A 192 -0.20 -22.51 0.38
N LYS A 193 -0.04 -23.79 0.08
CA LYS A 193 -0.97 -24.77 0.63
C LYS A 193 -0.98 -24.70 2.16
N GLU A 194 0.21 -24.68 2.75
CA GLU A 194 0.33 -24.68 4.19
C GLU A 194 -0.20 -23.37 4.80
N ILE A 195 0.00 -22.25 4.11
CA ILE A 195 -0.60 -21.02 4.56
C ILE A 195 -2.11 -21.14 4.51
N ALA A 196 -2.63 -21.59 3.37
CA ALA A 196 -4.10 -21.70 3.17
C ALA A 196 -4.70 -22.53 4.31
N ASN A 197 -3.98 -23.56 4.64
CA ASN A 197 -4.35 -24.50 5.66
C ASN A 197 -4.37 -24.01 7.09
N GLY A 198 -3.33 -23.31 7.49
CA GLY A 198 -3.26 -22.81 8.84
C GLY A 198 -4.40 -21.86 9.07
N ILE A 199 -4.63 -21.03 8.07
CA ILE A 199 -5.68 -20.08 8.15
C ILE A 199 -7.00 -20.80 8.26
N ALA A 200 -7.15 -21.90 7.54
CA ALA A 200 -8.39 -22.67 7.59
C ALA A 200 -8.65 -23.33 8.95
N GLU A 201 -7.62 -23.80 9.62
CA GLU A 201 -7.80 -24.44 10.90
C GLU A 201 -7.89 -23.45 12.02
N ASN A 202 -7.05 -22.42 12.00
CA ASN A 202 -7.07 -21.47 13.10
C ASN A 202 -8.05 -20.30 12.92
N HIS A 203 -8.54 -20.06 11.72
CA HIS A 203 -9.48 -18.93 11.50
C HIS A 203 -10.59 -19.29 10.50
N PRO A 204 -11.50 -20.20 10.90
CA PRO A 204 -12.44 -20.78 9.96
C PRO A 204 -13.44 -19.76 9.38
N ASP A 205 -13.51 -18.59 9.96
CA ASP A 205 -14.39 -17.58 9.43
C ASP A 205 -13.77 -16.73 8.28
N THR A 206 -12.50 -16.94 7.98
CA THR A 206 -11.86 -16.15 6.93
C THR A 206 -12.24 -16.79 5.63
N ILE A 207 -12.55 -16.00 4.61
CA ILE A 207 -12.85 -16.53 3.26
C ILE A 207 -11.53 -16.72 2.52
N ARG A 208 -11.27 -17.94 2.08
CA ARG A 208 -10.02 -18.28 1.44
C ARG A 208 -10.24 -18.55 -0.02
N ILE A 209 -9.50 -17.81 -0.85
CA ILE A 209 -9.56 -17.91 -2.29
C ILE A 209 -8.12 -18.16 -2.74
N ILE A 210 -7.91 -19.19 -3.58
CA ILE A 210 -6.64 -19.38 -4.21
C ILE A 210 -6.83 -19.12 -5.70
N LEU A 211 -6.13 -18.11 -6.21
CA LEU A 211 -6.27 -17.64 -7.57
C LEU A 211 -5.02 -18.02 -8.35
N LEU A 212 -5.21 -18.92 -9.32
CA LEU A 212 -4.14 -19.53 -10.08
C LEU A 212 -4.15 -18.98 -11.49
N ILE A 213 -3.13 -18.19 -11.85
CA ILE A 213 -3.19 -17.43 -13.07
C ILE A 213 -2.47 -18.19 -14.14
N ASP A 214 -3.21 -18.52 -15.21
CA ASP A 214 -2.64 -19.11 -16.40
C ASP A 214 -1.70 -20.30 -16.19
N GLU A 215 -2.03 -21.25 -15.32
CA GLU A 215 -1.13 -22.38 -15.17
C GLU A 215 -1.69 -23.74 -15.61
N ARG A 216 -0.76 -24.60 -16.05
CA ARG A 216 -1.08 -25.96 -16.49
C ARG A 216 -2.04 -26.72 -15.56
N PRO A 217 -2.93 -27.51 -16.16
CA PRO A 217 -3.95 -28.37 -15.57
C PRO A 217 -3.44 -29.20 -14.40
N GLU A 218 -2.43 -30.02 -14.64
CA GLU A 218 -1.94 -30.87 -13.57
C GLU A 218 -1.71 -30.02 -12.33
N GLU A 219 -0.92 -28.97 -12.51
CA GLU A 219 -0.55 -28.07 -11.42
C GLU A 219 -1.80 -27.65 -10.67
N VAL A 220 -2.87 -27.40 -11.41
CA VAL A 220 -4.13 -26.92 -10.83
C VAL A 220 -4.82 -27.96 -9.95
N THR A 221 -4.47 -29.23 -10.12
CA THR A 221 -5.43 -30.27 -9.82
C THR A 221 -5.79 -30.73 -8.38
N ASP A 222 -4.92 -30.80 -7.36
CA ASP A 222 -3.46 -30.75 -7.26
C ASP A 222 -2.94 -30.60 -5.80
N ILE A 223 -3.08 -29.47 -5.10
CA ILE A 223 -3.76 -28.21 -5.47
C ILE A 223 -5.26 -28.18 -5.25
N ARG A 224 -6.01 -28.82 -6.13
CA ARG A 224 -7.47 -28.73 -6.02
C ARG A 224 -8.13 -29.10 -4.67
N GLU A 225 -7.63 -30.04 -3.87
CA GLU A 225 -7.13 -31.36 -4.26
C GLU A 225 -6.85 -32.26 -3.05
N SER A 226 -6.07 -31.86 -2.04
CA SER A 226 -5.12 -30.74 -1.99
C SER A 226 -5.30 -29.64 -0.94
N THR A 227 -6.34 -28.83 -1.09
CA THR A 227 -6.46 -27.60 -0.29
C THR A 227 -6.89 -27.83 1.17
N ASN A 228 -8.01 -27.27 1.63
CA ASN A 228 -9.09 -26.67 0.85
C ASN A 228 -9.20 -25.15 0.92
N ALA A 229 -10.05 -24.62 0.04
CA ALA A 229 -10.28 -23.22 -0.13
C ALA A 229 -11.00 -23.15 -1.45
N ILE A 230 -11.78 -22.11 -1.69
CA ILE A 230 -12.27 -21.84 -3.02
C ILE A 230 -11.06 -21.74 -3.94
N VAL A 231 -11.02 -22.53 -4.99
CA VAL A 231 -9.89 -22.47 -5.91
C VAL A 231 -10.28 -22.01 -7.30
N ILE A 232 -9.87 -20.81 -7.68
CA ILE A 232 -10.22 -20.24 -8.96
C ILE A 232 -9.01 -20.21 -9.86
N ALA A 233 -9.08 -20.93 -10.97
CA ALA A 233 -7.96 -21.00 -11.90
C ALA A 233 -8.58 -21.13 -13.26
N ALA A 234 -8.14 -20.36 -14.24
CA ALA A 234 -8.88 -20.43 -15.46
C ALA A 234 -8.19 -20.13 -16.77
N PRO A 235 -7.62 -21.13 -17.45
CA PRO A 235 -6.77 -22.29 -17.25
C PRO A 235 -5.75 -22.13 -18.39
N PHE A 236 -4.67 -22.91 -18.40
CA PHE A 236 -3.58 -22.66 -19.35
C PHE A 236 -4.09 -22.17 -20.72
N ASP A 237 -5.16 -22.78 -21.22
CA ASP A 237 -5.55 -22.61 -22.62
C ASP A 237 -6.75 -21.70 -22.88
N MET A 238 -7.01 -20.74 -22.00
CA MET A 238 -8.05 -19.75 -22.27
C MET A 238 -7.40 -18.47 -22.76
N PRO A 239 -8.14 -17.65 -23.52
CA PRO A 239 -7.59 -16.39 -23.97
C PRO A 239 -7.20 -15.49 -22.80
N PRO A 240 -6.10 -14.73 -22.94
CA PRO A 240 -5.63 -13.86 -21.87
C PRO A 240 -6.64 -12.80 -21.40
N ASP A 241 -7.52 -12.30 -22.27
CA ASP A 241 -8.42 -11.24 -21.83
C ASP A 241 -9.55 -11.87 -21.03
N LYS A 242 -9.64 -13.19 -21.17
CA LYS A 242 -10.60 -13.96 -20.41
C LYS A 242 -10.02 -14.19 -19.01
N GLN A 243 -8.71 -14.30 -18.95
CA GLN A 243 -7.98 -14.57 -17.72
C GLN A 243 -7.97 -13.34 -16.86
N VAL A 244 -7.66 -12.21 -17.46
CA VAL A 244 -7.74 -10.98 -16.75
C VAL A 244 -9.13 -10.87 -16.14
N LYS A 245 -10.16 -11.25 -16.89
CA LYS A 245 -11.52 -11.08 -16.46
C LYS A 245 -11.87 -11.97 -15.27
N VAL A 246 -11.28 -13.15 -15.26
CA VAL A 246 -11.45 -13.99 -14.13
C VAL A 246 -10.85 -13.32 -12.86
N ALA A 247 -9.62 -12.83 -12.97
CA ALA A 247 -8.89 -12.29 -11.83
C ALA A 247 -9.59 -11.05 -11.33
N GLU A 248 -10.11 -10.25 -12.23
CA GLU A 248 -10.73 -9.03 -11.84
C GLU A 248 -12.03 -9.25 -11.10
N LEU A 249 -12.82 -10.22 -11.56
CA LEU A 249 -14.07 -10.49 -10.90
C LEU A 249 -13.79 -11.12 -9.56
N THR A 250 -12.76 -11.96 -9.48
CA THR A 250 -12.38 -12.51 -8.20
C THR A 250 -12.08 -11.40 -7.19
N LEU A 251 -11.31 -10.40 -7.64
CA LEU A 251 -10.95 -9.28 -6.80
C LEU A 251 -12.15 -8.47 -6.39
N GLU A 252 -13.07 -8.26 -7.30
CA GLU A 252 -14.24 -7.48 -7.01
C GLU A 252 -15.06 -8.16 -5.95
N MET A 253 -15.14 -9.47 -6.05
CA MET A 253 -15.90 -10.26 -5.13
C MET A 253 -15.31 -10.10 -3.73
N ALA A 254 -13.98 -10.15 -3.65
CA ALA A 254 -13.28 -9.99 -2.38
C ALA A 254 -13.60 -8.66 -1.78
N LYS A 255 -13.55 -7.62 -2.59
CA LYS A 255 -13.90 -6.29 -2.12
C LYS A 255 -15.31 -6.17 -1.58
N ARG A 256 -16.30 -6.80 -2.24
CA ARG A 256 -17.69 -6.84 -1.69
C ARG A 256 -17.71 -7.54 -0.33
N LEU A 257 -16.95 -8.63 -0.22
CA LEU A 257 -16.85 -9.32 1.06
C LEU A 257 -16.36 -8.40 2.21
N VAL A 258 -15.40 -7.54 1.91
CA VAL A 258 -14.79 -6.73 2.92
C VAL A 258 -15.77 -5.62 3.30
N GLU A 259 -16.46 -5.12 2.28
CA GLU A 259 -17.54 -4.19 2.48
C GLU A 259 -18.56 -4.75 3.45
N PHE A 260 -18.73 -6.07 3.47
CA PHE A 260 -19.66 -6.70 4.33
C PHE A 260 -18.98 -7.27 5.57
N ASN A 261 -17.77 -6.79 5.81
CA ASN A 261 -17.03 -7.09 7.01
C ASN A 261 -16.40 -8.45 7.09
N TYR A 262 -16.17 -9.10 5.99
CA TYR A 262 -15.43 -10.35 6.10
C TYR A 262 -13.91 -10.12 6.10
N ASP A 263 -13.19 -11.12 6.58
CA ASP A 263 -11.75 -11.17 6.41
C ASP A 263 -11.53 -12.08 5.24
N VAL A 264 -10.95 -11.57 4.18
CA VAL A 264 -10.73 -12.36 2.98
C VAL A 264 -9.25 -12.60 2.74
N VAL A 265 -8.91 -13.78 2.26
CA VAL A 265 -7.55 -14.00 1.81
C VAL A 265 -7.50 -14.49 0.35
N ILE A 266 -6.67 -13.83 -0.45
CA ILE A 266 -6.43 -14.33 -1.77
C ILE A 266 -4.99 -14.77 -1.77
N LEU A 267 -4.75 -15.99 -2.21
CA LEU A 267 -3.40 -16.51 -2.34
C LEU A 267 -3.15 -16.53 -3.81
N LEU A 268 -2.34 -15.61 -4.31
CA LEU A 268 -2.20 -15.44 -5.72
C LEU A 268 -0.92 -16.08 -6.28
N ASP A 269 -1.08 -17.19 -7.01
CA ASP A 269 0.02 -17.77 -7.79
C ASP A 269 -0.15 -17.43 -9.28
N SER A 270 0.58 -16.44 -9.79
CA SER A 270 1.57 -15.65 -9.16
C SER A 270 1.26 -14.27 -9.67
N LEU A 271 1.94 -13.25 -9.19
CA LEU A 271 1.71 -11.87 -9.60
C LEU A 271 2.42 -11.67 -10.90
N THR A 272 3.61 -12.23 -10.94
CA THR A 272 4.44 -12.19 -12.13
C THR A 272 3.63 -12.53 -13.37
N ARG A 273 2.89 -13.62 -13.30
CA ARG A 273 2.19 -14.11 -14.47
C ARG A 273 0.95 -13.29 -14.65
N LEU A 274 0.40 -12.78 -13.56
CA LEU A 274 -0.70 -11.88 -13.72
C LEU A 274 -0.18 -10.71 -14.56
N ALA A 275 1.03 -10.24 -14.21
CA ALA A 275 1.63 -9.09 -14.87
C ALA A 275 1.76 -9.36 -16.36
N ARG A 276 2.36 -10.50 -16.67
CA ARG A 276 2.59 -10.87 -18.03
C ARG A 276 1.29 -10.86 -18.80
N VAL A 277 0.23 -11.34 -18.21
CA VAL A 277 -1.00 -11.35 -18.94
C VAL A 277 -1.42 -9.93 -19.29
N TYR A 278 -1.35 -9.03 -18.34
CA TYR A 278 -1.85 -7.69 -18.60
C TYR A 278 -1.06 -7.01 -19.73
N ASN A 279 0.01 -7.68 -20.14
CA ASN A 279 0.93 -7.14 -21.10
C ASN A 279 0.44 -7.54 -22.45
N ILE A 280 0.04 -8.79 -22.58
CA ILE A 280 -0.48 -9.23 -23.85
C ILE A 280 -1.79 -8.54 -24.13
N VAL A 281 -2.34 -7.88 -23.12
CA VAL A 281 -3.75 -7.54 -23.14
C VAL A 281 -3.99 -6.05 -23.30
N VAL A 282 -3.14 -5.24 -22.67
CA VAL A 282 -3.35 -3.80 -22.63
C VAL A 282 -2.92 -3.06 -23.91
N PRO A 283 -3.80 -2.18 -24.43
CA PRO A 283 -3.48 -1.36 -25.60
C PRO A 283 -2.08 -0.79 -25.49
N PRO A 284 -1.17 -1.21 -26.40
CA PRO A 284 0.20 -0.69 -26.44
C PRO A 284 0.24 0.79 -26.07
N SER A 285 1.25 1.20 -25.32
CA SER A 285 1.35 2.58 -24.85
C SER A 285 2.37 3.38 -25.67
N GLY A 286 3.11 2.70 -26.53
CA GLY A 286 4.12 3.34 -27.36
C GLY A 286 5.47 3.47 -26.68
N LYS A 287 5.57 2.97 -25.45
CA LYS A 287 6.82 3.07 -24.70
C LYS A 287 7.18 1.73 -24.03
N LEU A 288 8.46 1.39 -23.98
CA LEU A 288 8.88 0.14 -23.32
C LEU A 288 10.16 -0.49 -23.89
N LEU A 289 11.04 -1.00 -23.02
CA LEU A 289 10.96 -0.75 -21.57
C LEU A 289 12.25 -1.01 -20.79
N THR A 290 12.91 -2.15 -20.97
CA THR A 290 12.39 -3.33 -21.65
C THR A 290 13.05 -4.45 -20.84
N GLY A 291 12.35 -5.56 -20.64
CA GLY A 291 11.00 -5.74 -21.15
C GLY A 291 10.93 -7.04 -21.92
N GLY A 292 10.32 -6.97 -23.09
CA GLY A 292 9.68 -5.75 -23.52
C GLY A 292 8.36 -5.65 -22.79
N VAL A 293 8.32 -4.82 -21.76
CA VAL A 293 7.12 -4.70 -20.97
C VAL A 293 6.69 -3.26 -20.89
N ASP A 294 5.42 -2.96 -21.15
CA ASP A 294 4.92 -1.66 -20.78
C ASP A 294 5.39 -1.50 -19.34
N PRO A 295 5.37 -0.27 -18.79
CA PRO A 295 4.29 0.64 -18.51
C PRO A 295 3.33 -0.07 -17.55
N ALA A 296 2.02 -0.06 -17.78
CA ALA A 296 1.37 0.74 -18.78
C ALA A 296 0.08 0.04 -19.12
N ALA A 297 -0.29 -0.98 -18.34
CA ALA A 297 0.39 -1.34 -17.09
C ALA A 297 0.79 -2.80 -17.17
N LEU A 298 1.20 -3.39 -16.05
CA LEU A 298 1.60 -2.73 -14.79
C LEU A 298 0.61 -2.03 -13.84
N TYR A 299 0.06 -0.89 -14.23
CA TYR A 299 -0.84 -0.18 -13.34
C TYR A 299 -1.94 -1.12 -12.87
N LYS A 300 -2.19 -2.17 -13.65
CA LYS A 300 -3.32 -3.04 -13.40
C LYS A 300 -3.03 -4.13 -12.37
N PRO A 301 -1.94 -4.89 -12.58
CA PRO A 301 -1.51 -5.76 -11.52
C PRO A 301 -1.20 -4.98 -10.23
N LYS A 302 -0.70 -3.76 -10.36
CA LYS A 302 -0.46 -2.93 -9.18
C LYS A 302 -1.72 -2.61 -8.39
N ARG A 303 -2.80 -2.25 -9.07
CA ARG A 303 -4.06 -2.02 -8.41
C ARG A 303 -4.50 -3.29 -7.69
N PHE A 304 -4.18 -4.43 -8.27
CA PHE A 304 -4.65 -5.69 -7.74
C PHE A 304 -4.02 -5.95 -6.36
N PHE A 305 -2.73 -6.21 -6.38
CA PHE A 305 -1.90 -6.27 -5.19
C PHE A 305 -2.18 -5.11 -4.22
N GLY A 306 -2.35 -3.92 -4.74
CA GLY A 306 -2.53 -2.78 -3.86
C GLY A 306 -3.86 -2.70 -3.15
N ALA A 307 -4.82 -3.50 -3.60
CA ALA A 307 -6.12 -3.56 -2.93
C ALA A 307 -6.02 -4.14 -1.52
N ALA A 308 -4.95 -4.90 -1.25
CA ALA A 308 -4.81 -5.56 0.02
C ALA A 308 -4.64 -4.54 1.11
N ARG A 309 -5.33 -4.75 2.21
CA ARG A 309 -5.40 -3.74 3.24
C ARG A 309 -6.28 -4.21 4.36
N ASN A 310 -5.99 -3.72 5.53
CA ASN A 310 -6.90 -3.78 6.60
C ASN A 310 -7.67 -2.47 6.42
N THR A 311 -8.86 -2.41 6.96
CA THR A 311 -9.61 -1.20 6.80
C THR A 311 -10.12 -0.99 8.16
N ARG A 312 -10.57 0.22 8.38
CA ARG A 312 -10.83 0.74 9.68
C ARG A 312 -12.32 0.59 9.97
N GLU A 313 -13.11 0.54 8.90
CA GLU A 313 -14.53 0.58 9.02
C GLU A 313 -15.16 -0.65 8.51
N GLY A 314 -14.35 -1.62 8.10
CA GLY A 314 -14.91 -2.83 7.52
C GLY A 314 -13.97 -3.99 7.74
N GLY A 315 -13.98 -4.97 6.85
CA GLY A 315 -13.16 -6.19 7.01
C GLY A 315 -11.72 -5.96 6.56
N SER A 316 -11.07 -7.00 6.12
CA SER A 316 -9.72 -6.86 5.60
C SER A 316 -9.51 -7.73 4.40
N LEU A 317 -8.59 -7.31 3.53
CA LEU A 317 -8.25 -8.15 2.39
C LEU A 317 -6.80 -8.41 2.49
N THR A 318 -6.50 -9.69 2.66
CA THR A 318 -5.16 -10.18 2.64
C THR A 318 -4.84 -10.74 1.25
N ILE A 319 -3.74 -10.26 0.68
CA ILE A 319 -3.24 -10.82 -0.58
C ILE A 319 -1.80 -11.28 -0.36
N ILE A 320 -1.58 -12.57 -0.46
CA ILE A 320 -0.27 -13.12 -0.44
C ILE A 320 -0.01 -13.59 -1.85
N ALA A 321 0.95 -12.96 -2.52
CA ALA A 321 1.24 -13.25 -3.93
C ALA A 321 2.64 -13.82 -4.14
N THR A 322 2.76 -14.85 -4.96
CA THR A 322 4.08 -15.29 -5.37
C THR A 322 4.67 -14.34 -6.42
N ALA A 323 5.96 -14.10 -6.29
CA ALA A 323 6.73 -13.27 -7.21
C ALA A 323 7.89 -14.11 -7.75
N LEU A 324 7.88 -14.41 -9.04
CA LEU A 324 8.87 -15.35 -9.58
C LEU A 324 10.19 -14.67 -9.86
N VAL A 325 11.27 -15.19 -9.28
CA VAL A 325 12.58 -14.57 -9.38
C VAL A 325 13.64 -15.57 -9.92
N GLU A 326 14.76 -15.03 -10.42
CA GLU A 326 15.85 -15.87 -10.95
C GLU A 326 15.36 -16.83 -12.06
N THR A 327 14.58 -16.34 -13.01
CA THR A 327 14.01 -17.26 -14.01
C THR A 327 14.81 -17.39 -15.29
N GLY A 328 15.54 -16.36 -15.66
CA GLY A 328 16.17 -16.34 -16.97
C GLY A 328 15.68 -15.12 -17.72
N SER A 329 14.44 -14.73 -17.46
CA SER A 329 13.97 -13.41 -17.89
C SER A 329 13.80 -12.63 -16.62
N LYS A 330 13.77 -11.30 -16.71
CA LYS A 330 14.02 -10.48 -17.90
C LYS A 330 12.85 -9.54 -17.97
N MET A 331 11.79 -9.99 -18.61
CA MET A 331 10.52 -9.32 -18.42
C MET A 331 10.05 -9.64 -16.99
N ASP A 332 10.34 -10.85 -16.54
CA ASP A 332 10.07 -11.21 -15.18
C ASP A 332 10.80 -10.25 -14.26
N GLU A 333 12.12 -10.19 -14.40
CA GLU A 333 12.91 -9.23 -13.64
C GLU A 333 12.32 -7.85 -13.59
N VAL A 334 11.92 -7.30 -14.70
CA VAL A 334 11.54 -5.92 -14.67
C VAL A 334 10.35 -5.70 -13.72
N ILE A 335 9.51 -6.72 -13.64
CA ILE A 335 8.28 -6.67 -12.87
C ILE A 335 8.59 -6.77 -11.39
N PHE A 336 9.52 -7.62 -11.04
CA PHE A 336 9.87 -7.70 -9.65
C PHE A 336 10.42 -6.36 -9.23
N GLU A 337 11.18 -5.75 -10.12
CA GLU A 337 11.68 -4.42 -9.96
C GLU A 337 10.55 -3.43 -9.76
N GLU A 338 9.57 -3.48 -10.64
CA GLU A 338 8.52 -2.48 -10.62
C GLU A 338 7.63 -2.66 -9.41
N PHE A 339 7.71 -3.81 -8.73
CA PHE A 339 6.85 -4.02 -7.57
C PHE A 339 7.58 -3.82 -6.24
N LYS A 340 8.73 -3.16 -6.28
CA LYS A 340 9.58 -3.05 -5.09
C LYS A 340 9.00 -2.00 -4.16
N GLY A 341 8.88 -2.32 -2.89
CA GLY A 341 8.34 -1.37 -1.96
C GLY A 341 6.84 -1.27 -2.01
N THR A 342 6.17 -2.23 -2.62
CA THR A 342 4.70 -2.13 -2.66
C THR A 342 4.08 -2.90 -1.50
N GLY A 343 4.73 -3.99 -1.11
CA GLY A 343 4.21 -4.91 -0.14
C GLY A 343 4.60 -4.54 1.26
N ASN A 344 4.08 -5.26 2.24
CA ASN A 344 4.44 -4.95 3.60
C ASN A 344 4.80 -6.21 4.35
N MET A 345 4.89 -7.29 3.62
CA MET A 345 5.37 -8.55 4.15
C MET A 345 6.14 -9.25 3.05
N GLU A 346 7.22 -9.94 3.45
CA GLU A 346 8.12 -10.65 2.52
C GLU A 346 8.51 -11.99 3.09
N LEU A 347 8.29 -13.04 2.32
CA LEU A 347 8.82 -14.34 2.64
C LEU A 347 9.75 -14.70 1.47
N VAL A 348 11.06 -14.67 1.70
CA VAL A 348 12.02 -14.91 0.62
C VAL A 348 12.54 -16.35 0.68
N LEU A 349 12.42 -17.10 -0.41
CA LEU A 349 12.81 -18.52 -0.46
C LEU A 349 14.16 -18.67 -1.18
N SER A 350 14.98 -19.64 -0.79
CA SER A 350 16.36 -19.70 -1.33
C SER A 350 16.60 -20.71 -2.45
N ARG A 351 17.06 -20.22 -3.60
CA ARG A 351 17.49 -21.09 -4.69
C ARG A 351 18.56 -22.05 -4.21
N GLN A 352 19.59 -21.51 -3.57
CA GLN A 352 20.67 -22.33 -3.04
C GLN A 352 20.15 -23.38 -2.05
N LEU A 353 19.33 -22.98 -1.10
CA LEU A 353 18.83 -23.97 -0.10
C LEU A 353 17.83 -24.95 -0.70
N ALA A 354 17.33 -24.62 -1.88
CA ALA A 354 16.41 -25.49 -2.60
C ALA A 354 17.16 -26.71 -3.21
N ASN A 355 18.26 -26.43 -3.90
CA ASN A 355 19.06 -27.46 -4.55
C ASN A 355 19.73 -28.43 -3.60
N LYS A 356 19.61 -28.13 -2.32
CA LYS A 356 20.29 -28.90 -1.32
C LYS A 356 19.26 -29.64 -0.56
N ARG A 357 18.00 -29.44 -0.90
CA ARG A 357 16.97 -30.30 -0.31
C ARG A 357 16.56 -29.87 1.09
N ILE A 358 16.82 -28.62 1.45
CA ILE A 358 16.36 -28.18 2.76
C ILE A 358 15.05 -27.39 2.64
N PHE A 359 13.98 -28.00 3.11
CA PHE A 359 12.68 -27.38 3.05
C PHE A 359 12.15 -27.27 4.45
N PRO A 360 11.51 -26.13 4.76
CA PRO A 360 11.27 -25.08 3.81
C PRO A 360 12.46 -24.21 3.48
N ALA A 361 12.59 -23.90 2.19
CA ALA A 361 13.73 -23.17 1.64
C ALA A 361 13.71 -21.68 1.97
N ILE A 362 13.66 -21.37 3.24
CA ILE A 362 13.47 -19.97 3.61
C ILE A 362 14.74 -19.23 3.99
N ASN A 363 14.91 -18.07 3.40
CA ASN A 363 15.91 -17.15 3.86
C ASN A 363 15.33 -16.24 4.93
N LEU A 364 15.53 -16.57 6.19
CA LEU A 364 14.93 -15.83 7.31
C LEU A 364 15.41 -14.38 7.43
N LEU A 365 16.71 -14.16 7.34
CA LEU A 365 17.25 -12.85 7.53
C LEU A 365 16.69 -11.86 6.51
N LEU A 366 16.35 -12.35 5.35
CA LEU A 366 15.84 -11.46 4.33
C LEU A 366 14.30 -11.35 4.41
N SER A 367 13.70 -12.16 5.25
CA SER A 367 12.26 -12.21 5.38
C SER A 367 11.84 -11.40 6.60
N GLY A 368 10.73 -10.67 6.47
CA GLY A 368 10.23 -9.85 7.57
C GLY A 368 8.89 -9.25 7.23
N THR A 369 8.26 -8.60 8.21
CA THR A 369 7.03 -7.88 7.93
C THR A 369 7.03 -6.51 8.58
N ARG A 370 6.58 -5.50 7.86
CA ARG A 370 6.57 -4.17 8.44
C ARG A 370 5.53 -4.02 9.54
N ARG A 371 5.89 -3.21 10.52
CA ARG A 371 5.05 -2.88 11.65
C ARG A 371 4.58 -4.12 12.35
N GLU A 372 5.54 -5.01 12.55
CA GLU A 372 5.28 -6.25 13.20
C GLU A 372 5.06 -6.08 14.69
N GLU A 373 5.28 -4.87 15.22
CA GLU A 373 4.98 -4.66 16.65
C GLU A 373 3.53 -4.69 16.82
N LEU A 374 2.80 -4.50 15.74
CA LEU A 374 1.33 -4.53 15.81
C LEU A 374 0.84 -5.96 15.85
N LEU A 375 1.72 -6.90 15.53
CA LEU A 375 1.30 -8.28 15.34
C LEU A 375 1.87 -9.24 16.37
N LEU A 376 3.07 -8.97 16.86
CA LEU A 376 3.70 -9.85 17.83
C LEU A 376 3.88 -9.06 19.13
N ASP A 377 3.75 -9.73 20.27
CA ASP A 377 4.03 -9.11 21.56
C ASP A 377 5.53 -8.77 21.75
N GLU A 378 5.83 -7.79 22.58
CA GLU A 378 7.22 -7.38 22.84
C GLU A 378 8.23 -8.49 23.18
N GLU A 379 7.80 -9.45 24.00
CA GLU A 379 8.65 -10.59 24.36
C GLU A 379 9.11 -11.32 23.13
N THR A 380 8.15 -11.74 22.32
CA THR A 380 8.43 -12.51 21.12
C THR A 380 9.32 -11.71 20.19
N LEU A 381 9.05 -10.42 20.05
CA LEU A 381 9.88 -9.60 19.20
C LEU A 381 11.34 -9.60 19.64
N LYS A 382 11.60 -9.45 20.94
CA LYS A 382 13.00 -9.34 21.27
C LYS A 382 13.70 -10.66 21.12
N LYS A 383 12.97 -11.76 21.34
CA LYS A 383 13.51 -13.07 21.17
C LYS A 383 13.71 -13.39 19.71
N VAL A 384 12.82 -12.94 18.85
CA VAL A 384 13.04 -13.12 17.43
C VAL A 384 14.28 -12.32 17.00
N TRP A 385 14.42 -11.14 17.59
CA TRP A 385 15.56 -10.25 17.35
C TRP A 385 16.93 -10.92 17.58
N LEU A 386 17.12 -11.59 18.71
CA LEU A 386 18.36 -12.31 18.97
C LEU A 386 18.55 -13.44 18.01
N LEU A 387 17.49 -14.17 17.71
CA LEU A 387 17.58 -15.22 16.73
C LEU A 387 18.18 -14.64 15.51
N ARG A 388 17.75 -13.42 15.17
CA ARG A 388 18.29 -12.77 14.01
C ARG A 388 19.75 -12.47 14.18
N ARG A 389 20.14 -11.89 15.32
CA ARG A 389 21.54 -11.60 15.57
C ARG A 389 22.41 -12.85 15.33
N MET A 390 22.00 -13.96 15.92
CA MET A 390 22.75 -15.21 15.77
C MET A 390 22.73 -15.77 14.37
N LEU A 391 21.69 -15.45 13.63
CA LEU A 391 21.55 -15.93 12.29
C LEU A 391 22.56 -15.19 11.44
N SER A 392 22.72 -13.90 11.69
CA SER A 392 23.68 -13.10 10.92
C SER A 392 25.13 -13.58 11.11
N ALA A 393 25.31 -14.51 12.03
CA ALA A 393 26.64 -14.96 12.37
C ALA A 393 26.95 -16.28 11.68
N MET A 394 26.13 -16.65 10.69
CA MET A 394 26.34 -17.88 9.93
C MET A 394 25.66 -17.88 8.57
N THR A 395 25.93 -18.89 7.74
CA THR A 395 25.06 -19.24 6.61
C THR A 395 23.64 -19.31 7.21
N GLU A 396 22.57 -18.88 6.55
CA GLU A 396 21.97 -19.44 5.36
C GLU A 396 21.73 -20.92 5.62
N GLU A 397 22.48 -21.79 4.96
CA GLU A 397 22.30 -23.19 5.23
C GLU A 397 22.31 -23.48 6.73
N GLU A 398 23.29 -22.94 7.45
CA GLU A 398 23.53 -23.37 8.82
C GLU A 398 22.49 -22.82 9.80
N GLY A 399 22.12 -21.57 9.60
CA GLY A 399 21.05 -20.98 10.39
C GLY A 399 19.75 -21.74 10.22
N LEU A 400 19.30 -21.86 8.98
CA LEU A 400 18.02 -22.49 8.73
C LEU A 400 18.06 -23.85 9.39
N THR A 401 19.20 -24.50 9.27
CA THR A 401 19.38 -25.86 9.75
C THR A 401 19.26 -25.93 11.25
N LEU A 402 20.03 -25.09 11.95
CA LEU A 402 19.94 -25.03 13.40
C LEU A 402 18.50 -24.86 13.78
N ILE A 403 17.85 -23.89 13.16
CA ILE A 403 16.52 -23.50 13.56
C ILE A 403 15.55 -24.65 13.33
N LEU A 404 15.63 -25.29 12.16
CA LEU A 404 14.75 -26.42 11.90
C LEU A 404 14.91 -27.44 13.00
N ASN A 405 16.16 -27.69 13.35
CA ASN A 405 16.47 -28.62 14.40
C ASN A 405 15.81 -28.28 15.73
N LYS A 406 15.94 -27.03 16.15
CA LYS A 406 15.32 -26.61 17.39
C LYS A 406 13.81 -26.73 17.32
N LEU A 407 13.25 -26.49 16.13
CA LEU A 407 11.81 -26.60 15.97
C LEU A 407 11.39 -28.04 16.16
N SER A 408 12.00 -28.93 15.39
CA SER A 408 11.67 -30.37 15.47
C SER A 408 11.83 -30.95 16.88
N GLU A 409 12.54 -30.25 17.74
CA GLU A 409 12.66 -30.67 19.12
C GLU A 409 11.52 -30.16 20.02
N THR A 410 10.54 -29.47 19.46
CA THR A 410 9.56 -28.79 20.31
C THR A 410 8.08 -28.93 19.90
N SER A 411 7.19 -29.03 20.88
CA SER A 411 5.81 -29.25 20.58
C SER A 411 5.07 -28.02 20.03
N SER A 412 5.66 -26.84 20.15
CA SER A 412 5.00 -25.63 19.72
C SER A 412 5.98 -24.50 19.70
N ASN A 413 5.61 -23.40 19.07
CA ASN A 413 6.48 -22.24 19.04
C ASN A 413 6.66 -21.62 20.41
N GLU A 414 5.60 -21.65 21.21
CA GLU A 414 5.66 -21.02 22.51
C GLU A 414 6.59 -21.86 23.38
N GLU A 415 6.55 -23.15 23.14
CA GLU A 415 7.52 -24.05 23.68
C GLU A 415 8.92 -23.60 23.29
N PHE A 416 9.18 -23.58 21.99
CA PHE A 416 10.45 -23.13 21.40
C PHE A 416 10.96 -21.84 22.04
N LEU A 417 10.10 -20.84 22.22
CA LEU A 417 10.55 -19.58 22.82
C LEU A 417 10.91 -19.70 24.32
N LYS A 418 10.24 -20.60 25.05
CA LYS A 418 10.58 -20.87 26.44
C LYS A 418 12.06 -21.18 26.56
N LEU A 419 12.62 -21.85 25.55
CA LEU A 419 14.02 -22.23 25.52
C LEU A 419 14.99 -21.04 25.41
N ILE A 420 14.63 -20.03 24.63
CA ILE A 420 15.56 -18.92 24.36
C ILE A 420 16.14 -18.29 25.64
N GLY B 58 -18.11 26.66 0.71
CA GLY B 58 -17.08 25.71 0.18
C GLY B 58 -15.76 26.36 -0.16
N GLU B 59 -14.74 25.53 -0.37
CA GLU B 59 -13.40 26.01 -0.77
C GLU B 59 -12.61 24.91 -1.48
N GLY B 60 -11.60 25.31 -2.26
CA GLY B 60 -10.80 24.35 -3.00
C GLY B 60 -9.64 24.99 -3.76
N VAL B 61 -8.94 24.16 -4.53
CA VAL B 61 -7.76 24.59 -5.27
C VAL B 61 -8.04 24.73 -6.78
N LEU B 62 -8.04 25.97 -7.25
CA LEU B 62 -8.32 26.31 -8.64
C LEU B 62 -7.56 25.46 -9.66
N GLU B 63 -8.18 25.27 -10.82
CA GLU B 63 -7.59 24.48 -11.91
C GLU B 63 -8.01 24.99 -13.29
N ILE B 64 -7.54 26.19 -13.64
CA ILE B 64 -7.81 26.79 -14.95
C ILE B 64 -7.68 25.83 -16.12
N HIS B 65 -8.79 25.56 -16.80
CA HIS B 65 -8.76 24.69 -17.98
C HIS B 65 -8.34 25.43 -19.25
N PRO B 66 -7.88 24.68 -20.27
CA PRO B 66 -7.26 25.21 -21.49
C PRO B 66 -8.03 26.37 -22.13
N GLU B 67 -9.36 26.30 -22.14
CA GLU B 67 -10.19 27.39 -22.65
C GLU B 67 -10.03 28.62 -21.77
N GLY B 68 -10.69 28.60 -20.61
CA GLY B 68 -10.64 29.73 -19.69
C GLY B 68 -11.48 29.56 -18.43
N PHE B 69 -12.23 28.46 -18.34
CA PHE B 69 -13.01 28.16 -17.15
C PHE B 69 -12.16 27.36 -16.16
N GLY B 70 -12.66 27.17 -14.94
CA GLY B 70 -11.92 26.42 -13.94
C GLY B 70 -12.75 25.71 -12.88
N PHE B 71 -12.21 24.59 -12.38
CA PHE B 71 -12.79 23.89 -11.23
C PHE B 71 -11.90 24.06 -10.01
N LEU B 72 -12.47 23.89 -8.82
CA LEU B 72 -11.70 23.85 -7.58
C LEU B 72 -11.50 22.41 -7.14
N ARG B 73 -10.26 22.01 -6.89
CA ARG B 73 -9.99 20.65 -6.43
C ARG B 73 -10.07 20.49 -4.92
N ARG B 74 -10.49 19.30 -4.50
CA ARG B 74 -10.58 18.95 -3.10
C ARG B 74 -9.25 18.42 -2.60
N ILE B 75 -8.76 18.96 -1.50
CA ILE B 75 -7.58 18.38 -0.91
C ILE B 75 -7.96 16.96 -0.54
N GLU B 76 -9.12 16.83 0.11
CA GLU B 76 -9.61 15.53 0.54
C GLU B 76 -9.78 14.57 -0.63
N ASP B 77 -9.50 15.06 -1.83
CA ASP B 77 -9.51 14.22 -3.01
C ASP B 77 -8.10 13.98 -3.54
N ASN B 78 -7.11 14.46 -2.80
CA ASN B 78 -5.74 14.48 -3.30
C ASN B 78 -5.64 15.35 -4.54
N LEU B 79 -6.49 16.36 -4.59
CA LEU B 79 -6.50 17.34 -5.69
C LEU B 79 -6.98 16.76 -7.03
N LEU B 80 -7.47 15.53 -7.01
CA LEU B 80 -7.95 14.93 -8.24
C LEU B 80 -9.37 15.36 -8.60
N PRO B 81 -9.74 15.23 -9.88
CA PRO B 81 -11.04 15.63 -10.39
C PRO B 81 -12.16 14.84 -9.73
N SER B 82 -13.31 15.45 -9.59
CA SER B 82 -14.43 14.82 -8.91
C SER B 82 -15.66 15.71 -8.96
N ASN B 83 -16.81 15.09 -8.76
CA ASN B 83 -17.95 15.80 -8.24
C ASN B 83 -17.89 15.33 -6.81
N ASP B 84 -17.85 16.23 -5.84
CA ASP B 84 -18.25 17.63 -6.01
C ASP B 84 -17.10 18.63 -6.15
N ASP B 85 -16.55 18.77 -7.34
CA ASP B 85 -15.63 19.89 -7.58
C ASP B 85 -16.47 21.13 -7.84
N ILE B 86 -15.93 22.31 -7.56
CA ILE B 86 -16.67 23.54 -7.80
C ILE B 86 -16.46 24.07 -9.21
N TYR B 87 -17.27 25.05 -9.60
CA TYR B 87 -17.12 25.70 -10.90
C TYR B 87 -16.85 27.19 -10.72
N ILE B 88 -16.19 27.80 -11.71
CA ILE B 88 -15.71 29.17 -11.58
C ILE B 88 -15.64 29.94 -12.91
N SER B 89 -16.17 31.16 -12.90
CA SER B 89 -16.34 31.98 -14.09
C SER B 89 -15.14 32.00 -15.03
N PRO B 90 -15.27 32.79 -16.09
CA PRO B 90 -14.24 32.91 -17.13
C PRO B 90 -13.14 33.95 -16.86
N SER B 91 -13.48 35.17 -16.46
CA SER B 91 -14.82 35.65 -16.16
C SER B 91 -15.07 35.68 -14.65
N GLN B 92 -14.19 35.01 -13.92
CA GLN B 92 -14.13 35.09 -12.47
C GLN B 92 -13.42 33.90 -11.81
N ILE B 93 -12.11 33.73 -12.07
CA ILE B 93 -11.36 34.69 -12.83
C ILE B 93 -12.20 35.94 -12.76
N ARG B 94 -12.02 36.89 -13.67
CA ARG B 94 -10.92 36.94 -14.61
C ARG B 94 -10.25 38.22 -14.17
N LYS B 95 -10.72 38.70 -13.02
CA LYS B 95 -10.49 40.06 -12.61
C LYS B 95 -11.36 40.53 -11.43
N PHE B 96 -11.35 39.92 -10.25
CA PHE B 96 -10.66 38.69 -9.78
C PHE B 96 -9.24 38.22 -10.18
N ASN B 97 -8.85 38.35 -11.45
CA ASN B 97 -7.46 38.09 -11.81
C ASN B 97 -6.77 37.06 -10.89
N LEU B 98 -6.79 35.80 -11.29
CA LEU B 98 -6.23 34.72 -10.46
C LEU B 98 -5.90 33.46 -11.28
N ASN B 99 -4.82 32.77 -10.89
CA ASN B 99 -4.39 31.57 -11.62
C ASN B 99 -4.33 30.28 -10.79
N THR B 100 -3.78 29.24 -11.40
CA THR B 100 -3.79 27.91 -10.80
C THR B 100 -3.02 27.80 -9.49
N GLY B 101 -3.49 26.92 -8.61
CA GLY B 101 -2.89 26.74 -7.31
C GLY B 101 -3.67 27.50 -6.25
N ASP B 102 -4.26 28.60 -6.67
CA ASP B 102 -5.00 29.48 -5.76
C ASP B 102 -6.09 28.76 -5.00
N ILE B 103 -6.27 29.15 -3.75
CA ILE B 103 -7.29 28.56 -2.91
C ILE B 103 -8.44 29.53 -2.79
N ILE B 104 -9.63 29.08 -3.21
CA ILE B 104 -10.82 29.92 -3.17
C ILE B 104 -11.79 29.42 -2.11
N SER B 105 -12.46 30.35 -1.45
CA SER B 105 -13.57 30.00 -0.56
C SER B 105 -14.70 31.04 -0.61
N GLY B 106 -15.93 30.56 -0.47
CA GLY B 106 -17.11 31.41 -0.58
C GLY B 106 -18.36 30.55 -0.72
N VAL B 107 -19.53 31.20 -0.71
CA VAL B 107 -20.81 30.49 -0.73
C VAL B 107 -21.05 29.72 -2.03
N ILE B 108 -21.69 28.55 -1.91
CA ILE B 108 -22.06 27.75 -3.07
C ILE B 108 -23.57 27.64 -3.20
N ALA B 119 -20.46 25.62 -8.62
CA ALA B 119 -21.43 26.54 -8.03
C ALA B 119 -20.80 27.41 -6.94
N MET B 120 -20.41 28.63 -7.32
CA MET B 120 -19.83 29.57 -6.36
C MET B 120 -20.47 30.95 -6.54
N ILE B 121 -21.53 31.20 -5.79
CA ILE B 121 -22.25 32.48 -5.89
C ILE B 121 -21.29 33.66 -5.88
N LYS B 122 -20.26 33.57 -5.05
CA LYS B 122 -19.24 34.64 -4.98
C LYS B 122 -18.11 34.32 -3.97
N ILE B 123 -16.98 35.00 -4.16
CA ILE B 123 -15.75 34.64 -3.44
C ILE B 123 -15.45 35.55 -2.25
N GLU B 124 -15.23 34.93 -1.09
CA GLU B 124 -14.98 35.67 0.14
C GLU B 124 -13.48 35.77 0.48
N ALA B 125 -12.68 34.85 -0.03
CA ALA B 125 -11.23 34.87 0.21
C ALA B 125 -10.45 34.02 -0.80
N ILE B 126 -9.37 34.58 -1.34
CA ILE B 126 -8.43 33.84 -2.18
C ILE B 126 -7.13 33.61 -1.43
N ASN B 127 -6.94 32.40 -0.93
CA ASN B 127 -5.74 32.09 -0.16
C ASN B 127 -5.82 32.63 1.25
N TYR B 128 -7.05 32.71 1.76
CA TYR B 128 -7.28 33.13 3.14
C TYR B 128 -7.16 34.64 3.29
N ARG B 129 -7.52 35.37 2.25
CA ARG B 129 -7.48 36.83 2.29
C ARG B 129 -8.33 37.48 1.18
N PRO B 130 -9.28 38.35 1.57
CA PRO B 130 -10.19 39.00 0.63
C PRO B 130 -9.54 40.18 -0.11
N ARG B 137 0.61 41.72 -5.85
CA ARG B 137 1.17 40.37 -5.72
C ARG B 137 2.13 40.04 -6.85
N VAL B 138 3.41 39.97 -6.51
CA VAL B 138 4.42 39.57 -7.47
C VAL B 138 4.30 38.08 -7.78
N ASN B 139 4.80 37.70 -8.95
CA ASN B 139 4.67 36.35 -9.47
C ASN B 139 5.86 35.51 -9.03
N PHE B 140 5.63 34.26 -8.68
CA PHE B 140 6.66 33.41 -8.08
C PHE B 140 8.02 33.49 -8.77
N ASP B 141 8.05 33.26 -10.07
CA ASP B 141 9.32 33.19 -10.76
C ASP B 141 10.04 34.51 -10.71
N ASN B 142 9.32 35.54 -10.32
CA ASN B 142 9.90 36.86 -10.33
C ASN B 142 10.49 37.24 -9.00
N LEU B 143 9.83 36.81 -7.93
CA LEU B 143 10.30 37.08 -6.57
C LEU B 143 11.81 36.99 -6.49
N THR B 144 12.39 37.84 -5.65
CA THR B 144 13.84 37.83 -5.43
C THR B 144 14.22 36.74 -4.42
N PRO B 145 14.95 35.73 -4.90
CA PRO B 145 15.49 34.64 -4.10
C PRO B 145 16.57 35.13 -3.18
N ASP B 146 16.53 34.65 -1.94
CA ASP B 146 17.53 34.93 -0.94
C ASP B 146 17.76 33.66 -0.12
N TYR B 147 18.90 33.60 0.55
CA TYR B 147 19.17 32.57 1.53
C TYR B 147 18.13 32.56 2.64
N PRO B 148 17.87 31.40 3.23
CA PRO B 148 17.02 31.37 4.42
C PRO B 148 17.70 32.08 5.60
N ARG B 149 16.92 32.88 6.32
CA ARG B 149 17.44 33.77 7.35
C ARG B 149 16.77 33.62 8.71
N GLU B 150 15.63 32.93 8.75
CA GLU B 150 14.90 32.61 9.96
C GLU B 150 14.85 31.10 10.16
N ARG B 151 15.28 30.63 11.32
CA ARG B 151 15.37 29.19 11.53
C ARG B 151 13.99 28.59 11.80
N PHE B 152 13.81 27.32 11.44
CA PHE B 152 12.73 26.56 12.00
C PHE B 152 13.22 26.02 13.33
N ILE B 153 12.48 26.19 14.40
CA ILE B 153 12.81 25.44 15.62
C ILE B 153 12.00 24.14 15.67
N LEU B 154 12.69 23.03 15.46
CA LEU B 154 12.02 21.73 15.38
C LEU B 154 11.85 21.04 16.73
N GLU B 155 12.72 21.36 17.68
CA GLU B 155 12.74 20.70 18.98
C GLU B 155 11.46 20.93 19.76
N THR B 156 10.87 19.85 20.27
CA THR B 156 9.74 20.00 21.16
C THR B 156 9.98 19.18 22.41
N ASP B 157 9.54 17.93 22.42
CA ASP B 157 9.67 17.06 23.59
C ASP B 157 11.08 16.49 23.65
N PRO B 158 11.67 16.44 24.84
CA PRO B 158 13.07 16.06 25.00
C PRO B 158 13.36 14.67 24.51
N LYS B 159 12.36 13.82 24.40
CA LYS B 159 12.61 12.45 23.94
C LYS B 159 12.63 12.31 22.42
N ILE B 160 12.17 13.31 21.71
CA ILE B 160 12.22 13.23 20.28
C ILE B 160 13.62 13.63 19.87
N TYR B 161 14.51 12.66 19.78
CA TYR B 161 15.90 12.93 19.55
C TYR B 161 16.22 13.43 18.15
N SER B 162 15.50 12.92 17.17
CA SER B 162 15.70 13.33 15.77
C SER B 162 15.70 14.85 15.57
N THR B 163 14.73 15.54 16.16
CA THR B 163 14.61 16.96 15.91
C THR B 163 15.60 17.75 16.74
N ARG B 164 15.91 17.22 17.92
CA ARG B 164 16.93 17.85 18.71
C ARG B 164 18.26 17.84 17.97
N LEU B 165 18.52 16.77 17.21
CA LEU B 165 19.78 16.66 16.53
C LEU B 165 19.77 17.54 15.29
N ILE B 166 18.60 17.63 14.67
CA ILE B 166 18.52 18.40 13.45
C ILE B 166 18.82 19.84 13.77
N ASP B 167 18.15 20.36 14.80
CA ASP B 167 18.32 21.73 15.20
C ASP B 167 19.78 22.09 15.44
N LEU B 168 20.61 21.08 15.73
CA LEU B 168 22.01 21.33 16.01
C LEU B 168 22.91 21.05 14.83
N PHE B 169 22.83 19.85 14.29
CA PHE B 169 23.74 19.41 13.25
C PHE B 169 23.28 19.65 11.81
N ALA B 170 22.05 20.07 11.61
CA ALA B 170 21.64 20.31 10.24
C ALA B 170 20.42 21.15 10.22
N PRO B 171 20.50 22.36 10.79
CA PRO B 171 19.30 23.15 10.96
C PRO B 171 18.62 23.47 9.64
N ILE B 172 17.31 23.63 9.71
CA ILE B 172 16.45 23.91 8.59
C ILE B 172 15.85 25.29 8.80
N GLY B 173 15.90 26.15 7.79
CA GLY B 173 15.30 27.49 7.87
C GLY B 173 14.21 27.66 6.82
N LYS B 174 13.41 28.71 6.94
CA LYS B 174 12.39 28.97 5.96
C LYS B 174 12.95 29.26 4.58
N GLY B 175 12.69 28.38 3.64
CA GLY B 175 13.20 28.52 2.30
C GLY B 175 14.17 27.41 1.99
N GLN B 176 14.37 26.51 2.96
CA GLN B 176 15.41 25.51 2.87
C GLN B 176 15.20 24.51 1.70
N ARG B 177 16.27 24.11 1.04
CA ARG B 177 16.18 23.07 0.05
C ARG B 177 16.87 21.84 0.60
N GLY B 178 16.13 21.06 1.38
CA GLY B 178 16.73 19.98 2.17
C GLY B 178 16.57 18.64 1.52
N MET B 179 17.59 17.81 1.62
CA MET B 179 17.46 16.41 1.24
C MET B 179 17.65 15.51 2.46
N ILE B 180 16.74 14.55 2.63
CA ILE B 180 16.96 13.49 3.58
C ILE B 180 17.43 12.26 2.79
N VAL B 181 18.67 11.83 2.96
CA VAL B 181 19.18 10.68 2.24
C VAL B 181 18.81 9.42 3.02
N ALA B 182 18.12 8.49 2.40
CA ALA B 182 17.48 7.44 3.16
C ALA B 182 17.63 6.06 2.56
N PRO B 183 18.39 5.23 3.24
CA PRO B 183 18.47 3.85 2.84
C PRO B 183 17.19 3.16 3.30
N PRO B 184 16.94 1.95 2.85
CA PRO B 184 15.73 1.21 3.19
C PRO B 184 15.54 1.07 4.70
N LYS B 185 14.32 1.21 5.18
CA LYS B 185 14.04 0.87 6.58
C LYS B 185 14.95 1.55 7.58
N ALA B 186 15.09 2.85 7.50
CA ALA B 186 15.95 3.51 8.45
C ALA B 186 15.20 4.64 9.15
N GLY B 187 13.88 4.60 9.08
CA GLY B 187 13.10 5.51 9.90
C GLY B 187 12.81 6.81 9.22
N LYS B 188 12.96 6.81 7.90
CA LYS B 188 12.71 7.97 7.09
C LYS B 188 11.33 8.59 7.34
N THR B 189 10.29 7.79 7.47
CA THR B 189 8.93 8.33 7.62
C THR B 189 8.65 8.91 8.99
N THR B 190 9.21 8.29 10.00
CA THR B 190 9.10 8.82 11.33
C THR B 190 9.78 10.19 11.45
N ILE B 191 10.95 10.32 10.85
CA ILE B 191 11.64 11.60 10.89
C ILE B 191 10.79 12.68 10.23
N LEU B 192 10.25 12.37 9.05
CA LEU B 192 9.37 13.29 8.36
C LEU B 192 8.24 13.77 9.24
N LYS B 193 7.52 12.84 9.86
CA LYS B 193 6.43 13.21 10.76
C LYS B 193 6.91 14.10 11.91
N GLU B 194 8.06 13.78 12.47
CA GLU B 194 8.60 14.58 13.55
C GLU B 194 8.96 16.02 13.09
N ILE B 195 9.53 16.15 11.90
CA ILE B 195 9.83 17.47 11.38
C ILE B 195 8.55 18.19 11.21
N ALA B 196 7.57 17.52 10.62
CA ALA B 196 6.27 18.13 10.44
C ALA B 196 5.65 18.56 11.75
N ASN B 197 5.78 17.74 12.78
CA ASN B 197 5.12 18.08 14.04
C ASN B 197 5.88 19.18 14.77
N GLY B 198 7.18 19.24 14.58
CA GLY B 198 7.98 20.29 15.21
C GLY B 198 7.54 21.64 14.70
N ILE B 199 7.39 21.74 13.38
CA ILE B 199 6.98 23.00 12.79
C ILE B 199 5.56 23.37 13.17
N ALA B 200 4.68 22.39 13.30
CA ALA B 200 3.33 22.67 13.73
C ALA B 200 3.29 23.33 15.13
N GLU B 201 4.14 22.86 16.01
CA GLU B 201 4.16 23.30 17.38
C GLU B 201 4.84 24.66 17.58
N ASN B 202 6.06 24.77 17.08
CA ASN B 202 6.79 25.99 17.21
C ASN B 202 6.42 27.06 16.17
N HIS B 203 5.80 26.68 15.06
CA HIS B 203 5.50 27.67 14.04
C HIS B 203 4.15 27.44 13.41
N PRO B 204 3.07 27.68 14.17
CA PRO B 204 1.70 27.40 13.79
C PRO B 204 1.24 28.13 12.55
N ASP B 205 1.85 29.26 12.24
CA ASP B 205 1.42 30.02 11.07
C ASP B 205 2.02 29.50 9.79
N THR B 206 3.01 28.63 9.87
CA THR B 206 3.54 27.99 8.64
C THR B 206 2.54 26.99 8.05
N ILE B 207 2.45 26.94 6.74
CA ILE B 207 1.52 26.01 6.11
C ILE B 207 2.30 24.75 5.82
N ARG B 208 1.82 23.62 6.34
CA ARG B 208 2.51 22.33 6.21
C ARG B 208 1.82 21.41 5.22
N ILE B 209 2.58 20.94 4.24
CA ILE B 209 2.11 20.04 3.21
C ILE B 209 3.02 18.82 3.15
N ILE B 210 2.42 17.65 3.08
CA ILE B 210 3.18 16.43 2.92
C ILE B 210 2.70 15.76 1.65
N LEU B 211 3.58 15.62 0.68
CA LEU B 211 3.24 15.02 -0.57
C LEU B 211 3.94 13.69 -0.67
N LEU B 212 3.14 12.63 -0.81
CA LEU B 212 3.61 11.25 -0.90
C LEU B 212 3.35 10.68 -2.29
N ILE B 213 4.40 10.30 -2.99
CA ILE B 213 4.30 9.79 -4.36
C ILE B 213 4.64 8.32 -4.33
N ASP B 214 3.81 7.49 -4.95
CA ASP B 214 4.05 6.04 -4.92
C ASP B 214 3.93 5.43 -3.53
N GLU B 215 3.21 6.10 -2.64
CA GLU B 215 3.12 5.67 -1.27
C GLU B 215 2.21 4.44 -1.11
N ARG B 216 2.51 3.60 -0.12
CA ARG B 216 1.58 2.56 0.25
C ARG B 216 0.38 3.19 0.92
N PRO B 217 -0.83 2.73 0.55
CA PRO B 217 -2.06 3.33 1.01
C PRO B 217 -2.13 3.43 2.52
N GLU B 218 -1.75 2.37 3.20
CA GLU B 218 -1.78 2.34 4.66
C GLU B 218 -0.81 3.36 5.32
N GLU B 219 0.35 3.59 4.71
CA GLU B 219 1.24 4.66 5.17
C GLU B 219 0.58 6.03 5.06
N VAL B 220 -0.30 6.21 4.08
CA VAL B 220 -0.99 7.50 4.01
C VAL B 220 -1.81 7.71 5.27
N THR B 221 -2.68 6.78 5.61
CA THR B 221 -3.53 7.09 6.75
C THR B 221 -2.73 7.24 8.06
N ASP B 222 -1.60 6.55 8.14
CA ASP B 222 -0.73 6.67 9.30
C ASP B 222 -0.12 8.09 9.38
N ILE B 223 0.34 8.61 8.26
CA ILE B 223 0.96 9.90 8.26
C ILE B 223 -0.04 11.00 8.51
N ARG B 224 -1.23 10.81 7.97
CA ARG B 224 -2.22 11.85 7.96
C ARG B 224 -2.73 12.06 9.38
N GLU B 225 -3.40 11.08 9.94
CA GLU B 225 -3.70 11.18 11.36
C GLU B 225 -2.31 11.26 11.94
N SER B 226 -2.11 11.90 13.08
CA SER B 226 -0.73 11.83 13.56
C SER B 226 0.24 12.96 13.14
N THR B 227 -0.05 13.68 12.06
CA THR B 227 0.66 14.92 11.80
C THR B 227 -0.38 15.94 11.44
N ASN B 228 -0.03 17.22 11.45
CA ASN B 228 -0.87 18.22 10.77
C ASN B 228 -0.12 19.41 10.12
N ALA B 229 -0.16 19.41 8.79
CA ALA B 229 -0.74 18.23 8.17
C ALA B 229 -1.61 18.40 6.94
N ILE B 230 -1.12 18.98 5.87
CA ILE B 230 -1.85 18.78 4.64
C ILE B 230 -1.16 17.64 3.88
N VAL B 231 -1.79 16.48 3.90
CA VAL B 231 -1.25 15.27 3.28
C VAL B 231 -1.93 14.98 1.96
N ILE B 232 -1.20 15.13 0.87
CA ILE B 232 -1.73 14.81 -0.43
C ILE B 232 -0.94 13.62 -0.90
N ALA B 233 -1.65 12.61 -1.41
CA ALA B 233 -1.01 11.36 -1.74
C ALA B 233 -1.32 10.88 -3.16
N ALA B 234 -0.33 10.22 -3.74
CA ALA B 234 -0.43 9.58 -5.04
C ALA B 234 0.17 8.21 -4.87
N PRO B 235 -0.65 7.24 -4.38
CA PRO B 235 -0.17 5.93 -4.00
C PRO B 235 0.20 5.05 -5.21
N PHE B 236 1.10 4.11 -4.98
CA PHE B 236 1.70 3.33 -6.06
C PHE B 236 0.69 2.66 -7.01
N ASP B 237 -0.60 2.73 -6.69
CA ASP B 237 -1.60 2.12 -7.54
C ASP B 237 -2.48 3.20 -8.16
N MET B 238 -1.98 4.42 -8.20
CA MET B 238 -2.62 5.50 -8.93
C MET B 238 -2.02 5.48 -10.33
N PRO B 239 -2.81 5.84 -11.37
CA PRO B 239 -2.17 5.86 -12.68
C PRO B 239 -1.17 7.01 -12.76
N PRO B 240 -0.01 6.72 -13.32
CA PRO B 240 1.11 7.62 -13.44
C PRO B 240 0.79 9.06 -13.84
N ASP B 241 0.09 9.27 -14.95
CA ASP B 241 -0.18 10.66 -15.35
C ASP B 241 -1.01 11.42 -14.32
N LYS B 242 -1.78 10.68 -13.53
CA LYS B 242 -2.55 11.31 -12.47
C LYS B 242 -1.66 11.58 -11.25
N GLN B 243 -0.75 10.66 -10.97
CA GLN B 243 0.24 10.87 -9.93
C GLN B 243 0.97 12.18 -10.20
N VAL B 244 1.36 12.42 -11.44
CA VAL B 244 2.08 13.63 -11.82
C VAL B 244 1.26 14.90 -11.62
N LYS B 245 -0.03 14.84 -11.93
CA LYS B 245 -0.85 16.04 -11.85
C LYS B 245 -1.07 16.46 -10.42
N VAL B 246 -1.12 15.49 -9.53
CA VAL B 246 -1.24 15.81 -8.13
C VAL B 246 0.01 16.55 -7.65
N ALA B 247 1.17 16.07 -8.08
CA ALA B 247 2.43 16.69 -7.69
C ALA B 247 2.51 18.13 -8.17
N GLU B 248 2.28 18.33 -9.46
CA GLU B 248 2.39 19.66 -10.04
C GLU B 248 1.34 20.62 -9.48
N LEU B 249 0.10 20.17 -9.33
CA LEU B 249 -0.87 21.07 -8.76
C LEU B 249 -0.44 21.42 -7.34
N THR B 250 0.11 20.44 -6.62
CA THR B 250 0.56 20.69 -5.26
C THR B 250 1.61 21.81 -5.23
N LEU B 251 2.56 21.75 -6.16
CA LEU B 251 3.61 22.76 -6.24
C LEU B 251 3.02 24.12 -6.56
N GLU B 252 2.06 24.15 -7.48
CA GLU B 252 1.48 25.40 -7.90
C GLU B 252 0.79 26.02 -6.73
N MET B 253 0.10 25.22 -5.95
CA MET B 253 -0.62 25.78 -4.81
C MET B 253 0.38 26.43 -3.85
N ALA B 254 1.51 25.78 -3.65
CA ALA B 254 2.48 26.28 -2.68
C ALA B 254 3.13 27.57 -3.18
N LYS B 255 3.45 27.60 -4.48
CA LYS B 255 3.93 28.81 -5.11
C LYS B 255 2.94 29.97 -4.95
N ARG B 256 1.66 29.66 -5.17
CA ARG B 256 0.64 30.68 -4.99
C ARG B 256 0.68 31.22 -3.58
N LEU B 257 0.85 30.34 -2.60
CA LEU B 257 0.84 30.79 -1.21
C LEU B 257 2.06 31.64 -0.84
N VAL B 258 3.18 31.42 -1.52
CA VAL B 258 4.36 32.14 -1.16
C VAL B 258 4.20 33.56 -1.69
N GLU B 259 3.56 33.64 -2.85
CA GLU B 259 3.20 34.89 -3.45
C GLU B 259 2.38 35.74 -2.49
N PHE B 260 1.61 35.07 -1.66
CA PHE B 260 0.70 35.76 -0.75
C PHE B 260 1.36 35.93 0.59
N ASN B 261 2.68 35.77 0.61
CA ASN B 261 3.49 36.03 1.79
C ASN B 261 3.42 34.96 2.90
N TYR B 262 3.16 33.71 2.54
CA TYR B 262 3.18 32.66 3.54
C TYR B 262 4.52 31.97 3.63
N ASP B 263 4.78 31.38 4.78
CA ASP B 263 5.86 30.41 4.90
C ASP B 263 5.30 29.04 4.64
N VAL B 264 5.79 28.38 3.61
CA VAL B 264 5.28 27.06 3.24
C VAL B 264 6.33 25.96 3.27
N VAL B 265 5.90 24.79 3.73
CA VAL B 265 6.77 23.63 3.72
C VAL B 265 6.13 22.50 2.96
N ILE B 266 6.90 21.87 2.12
CA ILE B 266 6.50 20.62 1.52
C ILE B 266 7.49 19.55 2.00
N LEU B 267 6.94 18.50 2.60
CA LEU B 267 7.75 17.34 2.94
C LEU B 267 7.47 16.35 1.86
N LEU B 268 8.46 16.06 1.05
CA LEU B 268 8.23 15.24 -0.08
C LEU B 268 8.82 13.88 0.10
N ASP B 269 7.97 12.85 0.16
CA ASP B 269 8.44 11.50 0.03
C ASP B 269 8.02 10.89 -1.31
N SER B 270 8.94 10.70 -2.25
CA SER B 270 10.29 11.15 -2.23
C SER B 270 10.55 11.71 -3.63
N LEU B 271 11.74 12.24 -3.88
CA LEU B 271 12.16 12.68 -5.18
C LEU B 271 12.43 11.48 -6.09
N THR B 272 13.11 10.50 -5.55
CA THR B 272 13.30 9.26 -6.25
C THR B 272 12.04 8.81 -6.97
N ARG B 273 10.91 8.72 -6.28
CA ARG B 273 9.75 8.13 -6.94
C ARG B 273 9.02 9.13 -7.82
N LEU B 274 9.02 10.40 -7.39
CA LEU B 274 8.61 11.48 -8.26
C LEU B 274 9.33 11.34 -9.58
N ALA B 275 10.63 11.13 -9.49
CA ALA B 275 11.46 10.94 -10.68
C ALA B 275 10.92 9.81 -11.52
N ARG B 276 10.81 8.64 -10.90
CA ARG B 276 10.39 7.45 -11.58
C ARG B 276 9.01 7.60 -12.19
N VAL B 277 8.14 8.33 -11.55
CA VAL B 277 6.87 8.52 -12.16
C VAL B 277 7.08 9.29 -13.46
N TYR B 278 7.84 10.38 -13.41
CA TYR B 278 8.06 11.20 -14.59
C TYR B 278 8.74 10.43 -15.69
N ASN B 279 9.42 9.36 -15.34
CA ASN B 279 10.04 8.57 -16.35
C ASN B 279 8.98 7.85 -17.15
N ILE B 280 8.18 7.03 -16.47
CA ILE B 280 7.15 6.26 -17.15
C ILE B 280 6.33 7.12 -18.07
N VAL B 281 5.90 8.27 -17.58
CA VAL B 281 4.95 9.10 -18.32
C VAL B 281 5.58 10.00 -19.37
N VAL B 282 6.85 10.35 -19.24
CA VAL B 282 7.47 11.25 -20.20
C VAL B 282 7.74 10.53 -21.51
N PRO B 283 7.65 11.27 -22.61
CA PRO B 283 7.80 10.72 -23.91
C PRO B 283 9.02 11.31 -24.56
N PRO B 284 9.88 10.56 -25.21
CA PRO B 284 10.56 9.33 -24.82
C PRO B 284 11.83 9.42 -25.64
N SER B 285 12.32 10.66 -25.76
CA SER B 285 13.23 11.08 -26.83
C SER B 285 14.67 11.25 -26.35
N GLY B 286 14.83 11.30 -25.03
CA GLY B 286 16.10 11.57 -24.39
C GLY B 286 17.36 11.11 -25.11
N LYS B 287 18.49 11.64 -24.66
CA LYS B 287 19.82 11.34 -25.20
C LYS B 287 20.27 9.90 -24.97
N LEU B 288 19.33 8.97 -24.85
CA LEU B 288 19.68 7.58 -24.58
C LEU B 288 19.53 7.27 -23.09
N LEU B 289 19.05 6.07 -22.78
CA LEU B 289 18.77 5.66 -21.41
C LEU B 289 20.02 5.29 -20.61
N THR B 290 19.80 5.04 -19.33
CA THR B 290 20.80 4.44 -18.45
C THR B 290 20.05 3.85 -17.26
N GLY B 291 18.79 4.24 -17.12
CA GLY B 291 17.92 3.76 -16.06
C GLY B 291 17.62 2.27 -16.11
N GLY B 292 16.99 1.82 -17.19
CA GLY B 292 16.59 2.69 -18.28
C GLY B 292 15.83 3.90 -17.79
N VAL B 293 16.45 5.07 -17.90
CA VAL B 293 15.88 6.34 -17.47
C VAL B 293 16.20 7.42 -18.49
N ASP B 294 15.16 8.02 -19.06
CA ASP B 294 15.34 8.98 -20.12
C ASP B 294 15.68 10.31 -19.46
N PRO B 295 16.90 10.82 -19.71
CA PRO B 295 17.27 12.05 -19.06
C PRO B 295 16.10 13.04 -18.96
N ALA B 296 15.20 13.02 -19.91
CA ALA B 296 14.11 13.98 -19.92
C ALA B 296 13.40 13.99 -18.57
N ALA B 297 13.48 12.90 -17.82
CA ALA B 297 12.81 12.85 -16.52
C ALA B 297 12.00 14.14 -16.29
N LEU B 298 12.47 15.08 -15.46
CA LEU B 298 13.70 14.98 -14.65
C LEU B 298 14.87 15.90 -14.96
N TYR B 299 14.70 17.10 -15.56
CA TYR B 299 13.54 17.94 -15.35
C TYR B 299 13.00 17.12 -14.24
N LYS B 300 11.74 17.26 -13.84
CA LYS B 300 10.92 18.43 -13.90
C LYS B 300 10.74 18.36 -12.38
N PRO B 301 11.19 17.21 -11.84
CA PRO B 301 11.51 16.86 -10.47
C PRO B 301 12.61 17.76 -9.92
N LYS B 302 13.61 18.07 -10.75
CA LYS B 302 14.67 19.00 -10.41
C LYS B 302 14.09 20.39 -10.25
N ARG B 303 13.16 20.69 -11.13
CA ARG B 303 12.51 21.97 -11.15
C ARG B 303 11.61 22.06 -9.94
N PHE B 304 11.16 20.91 -9.48
CA PHE B 304 10.34 20.83 -8.28
C PHE B 304 11.19 21.19 -7.06
N PHE B 305 12.24 20.42 -6.86
CA PHE B 305 13.15 20.65 -5.77
C PHE B 305 13.79 22.03 -5.83
N GLY B 306 14.04 22.51 -7.05
CA GLY B 306 14.71 23.77 -7.25
C GLY B 306 13.79 24.90 -6.89
N ALA B 307 12.53 24.62 -6.64
CA ALA B 307 11.59 25.70 -6.38
C ALA B 307 11.72 26.25 -4.96
N ALA B 308 12.34 25.45 -4.08
CA ALA B 308 12.55 25.89 -2.71
C ALA B 308 13.34 27.22 -2.66
N ARG B 309 12.92 28.15 -1.82
CA ARG B 309 13.62 29.42 -1.70
C ARG B 309 12.98 30.30 -0.67
N ASN B 310 13.79 31.17 -0.09
CA ASN B 310 13.27 32.32 0.60
C ASN B 310 13.16 33.43 -0.45
N THR B 311 12.38 34.46 -0.15
CA THR B 311 12.19 35.57 -1.08
C THR B 311 12.17 36.90 -0.37
N ARG B 312 12.66 37.94 -1.05
CA ARG B 312 12.66 39.28 -0.49
C ARG B 312 11.26 39.78 -0.21
N GLU B 313 10.32 39.45 -1.08
CA GLU B 313 9.17 40.31 -1.25
C GLU B 313 7.73 39.90 -0.89
N GLY B 314 7.46 38.68 -0.45
CA GLY B 314 8.44 37.67 -0.03
C GLY B 314 7.65 36.67 0.78
N GLY B 315 8.25 35.53 1.05
CA GLY B 315 7.56 34.41 1.68
C GLY B 315 8.49 33.28 1.34
N SER B 316 8.35 32.13 1.99
CA SER B 316 9.29 31.09 1.68
C SER B 316 8.63 29.78 1.31
N LEU B 317 9.35 29.03 0.49
CA LEU B 317 9.02 27.67 0.19
C LEU B 317 10.15 26.80 0.65
N THR B 318 9.95 26.10 1.76
CA THR B 318 10.90 25.07 2.18
C THR B 318 10.52 23.75 1.56
N ILE B 319 11.49 23.05 0.98
CA ILE B 319 11.24 21.69 0.56
C ILE B 319 12.24 20.72 1.18
N ILE B 320 11.72 19.77 1.92
CA ILE B 320 12.55 18.72 2.48
C ILE B 320 12.07 17.49 1.77
N ALA B 321 12.96 16.87 1.00
CA ALA B 321 12.59 15.76 0.17
C ALA B 321 13.50 14.58 0.43
N THR B 322 12.98 13.38 0.31
CA THR B 322 13.80 12.21 0.53
C THR B 322 14.40 11.76 -0.77
N ALA B 323 15.59 11.19 -0.69
CA ALA B 323 16.26 10.58 -1.82
C ALA B 323 16.67 9.21 -1.36
N LEU B 324 16.22 8.18 -2.09
CA LEU B 324 16.41 6.80 -1.67
C LEU B 324 17.75 6.26 -2.10
N VAL B 325 18.28 5.34 -1.32
CA VAL B 325 19.62 4.88 -1.56
C VAL B 325 19.72 3.43 -1.10
N GLU B 326 20.69 2.69 -1.63
CA GLU B 326 20.90 1.31 -1.20
C GLU B 326 19.63 0.47 -1.30
N THR B 327 18.90 0.62 -2.39
CA THR B 327 17.66 -0.13 -2.59
C THR B 327 17.89 -1.23 -3.62
N GLY B 328 19.07 -1.25 -4.20
CA GLY B 328 19.38 -2.29 -5.19
C GLY B 328 19.06 -1.95 -6.63
N SER B 329 18.40 -0.82 -6.87
CA SER B 329 18.00 -0.45 -8.24
C SER B 329 18.93 0.51 -8.91
N LYS B 330 19.36 0.12 -10.10
CA LYS B 330 20.08 1.04 -10.95
C LYS B 330 19.18 2.23 -11.18
N MET B 331 17.87 2.00 -11.16
CA MET B 331 16.92 3.03 -11.59
C MET B 331 17.16 4.52 -11.21
N ASP B 332 16.79 5.03 -10.04
CA ASP B 332 17.06 4.58 -8.68
C ASP B 332 18.46 5.05 -8.27
N GLU B 333 19.52 4.39 -8.72
CA GLU B 333 20.82 4.83 -8.27
C GLU B 333 21.21 6.34 -8.27
N VAL B 334 20.89 7.18 -9.24
CA VAL B 334 20.90 6.96 -10.67
C VAL B 334 20.55 8.16 -11.54
N ILE B 335 19.46 8.92 -11.33
CA ILE B 335 18.56 9.10 -10.17
C ILE B 335 19.12 9.73 -8.90
N PHE B 336 19.62 8.93 -7.97
CA PHE B 336 20.29 9.55 -6.85
C PHE B 336 21.46 10.39 -7.37
N GLU B 337 22.23 9.79 -8.27
CA GLU B 337 23.36 10.46 -8.88
C GLU B 337 22.98 11.85 -9.39
N GLU B 338 21.81 11.96 -9.98
CA GLU B 338 21.41 13.20 -10.59
C GLU B 338 20.99 14.23 -9.55
N PHE B 339 20.79 13.80 -8.32
CA PHE B 339 20.39 14.72 -7.26
C PHE B 339 21.50 14.91 -6.25
N LYS B 340 22.37 13.92 -6.17
CA LYS B 340 23.47 13.95 -5.25
C LYS B 340 24.04 15.36 -5.18
N GLY B 341 23.92 15.97 -4.01
CA GLY B 341 24.59 17.24 -3.74
C GLY B 341 23.83 18.49 -4.08
N THR B 342 22.61 18.37 -4.56
CA THR B 342 21.91 19.56 -5.03
C THR B 342 21.14 20.27 -3.93
N GLY B 343 21.17 19.74 -2.72
CA GLY B 343 20.51 20.40 -1.60
C GLY B 343 21.44 21.39 -0.89
N ASN B 344 20.86 22.34 -0.17
CA ASN B 344 21.63 23.23 0.66
C ASN B 344 21.37 22.93 2.14
N MET B 345 20.75 21.77 2.37
CA MET B 345 20.67 21.14 3.69
C MET B 345 20.48 19.63 3.48
N GLU B 346 21.25 18.84 4.21
CA GLU B 346 21.27 17.41 4.02
C GLU B 346 21.21 16.74 5.39
N LEU B 347 20.42 15.70 5.50
CA LEU B 347 20.36 14.88 6.70
C LEU B 347 20.54 13.48 6.18
N VAL B 348 21.69 12.87 6.39
CA VAL B 348 21.86 11.52 5.91
C VAL B 348 21.56 10.47 6.97
N LEU B 349 20.87 9.40 6.57
CA LEU B 349 20.46 8.36 7.47
C LEU B 349 21.36 7.18 7.21
N SER B 350 21.59 6.35 8.21
CA SER B 350 22.62 5.33 8.12
C SER B 350 22.03 3.92 8.21
N ARG B 351 22.32 3.10 7.21
CA ARG B 351 21.88 1.72 7.19
C ARG B 351 22.55 0.90 8.30
N GLN B 352 23.85 1.11 8.49
CA GLN B 352 24.56 0.34 9.48
C GLN B 352 23.99 0.67 10.84
N LEU B 353 23.67 1.95 11.06
CA LEU B 353 23.10 2.37 12.33
C LEU B 353 21.66 1.89 12.49
N ALA B 354 20.97 1.70 11.39
CA ALA B 354 19.60 1.19 11.42
C ALA B 354 19.59 -0.31 11.66
N ASN B 355 20.44 -1.02 10.93
CA ASN B 355 20.61 -2.44 11.18
C ASN B 355 21.05 -2.70 12.60
N LYS B 356 20.94 -1.73 13.50
CA LYS B 356 21.84 -1.80 14.63
C LYS B 356 21.47 -1.63 16.09
N ARG B 357 20.20 -1.48 16.48
CA ARG B 357 19.13 -0.97 15.70
C ARG B 357 18.99 0.37 16.40
N ILE B 358 19.85 1.33 16.05
CA ILE B 358 19.98 2.57 16.79
C ILE B 358 19.25 3.74 16.13
N PHE B 359 18.23 4.30 16.79
CA PHE B 359 17.42 5.35 16.20
C PHE B 359 17.36 6.63 17.04
N PRO B 360 17.29 7.78 16.38
CA PRO B 360 17.31 7.98 14.96
C PRO B 360 18.64 7.56 14.35
N ALA B 361 18.61 6.86 13.23
CA ALA B 361 19.83 6.38 12.59
C ALA B 361 20.51 7.47 11.76
N ILE B 362 20.87 8.59 12.40
CA ILE B 362 21.43 9.73 11.66
C ILE B 362 22.94 9.72 11.66
N ASN B 363 23.53 9.96 10.49
CA ASN B 363 24.96 10.10 10.40
C ASN B 363 25.33 11.56 10.46
N LEU B 364 25.65 12.02 11.65
CA LEU B 364 25.76 13.44 11.96
C LEU B 364 26.92 14.10 11.21
N LEU B 365 27.99 13.33 11.05
CA LEU B 365 29.18 13.80 10.37
C LEU B 365 28.89 14.16 8.91
N LEU B 366 28.05 13.38 8.25
CA LEU B 366 27.68 13.67 6.86
C LEU B 366 26.47 14.58 6.78
N SER B 367 25.88 14.97 7.89
CA SER B 367 24.74 15.88 7.82
C SER B 367 25.14 17.33 7.99
N GLY B 368 24.42 18.23 7.36
CA GLY B 368 24.66 19.65 7.59
C GLY B 368 23.91 20.64 6.71
N THR B 369 24.10 21.92 6.96
CA THR B 369 23.52 22.92 6.14
C THR B 369 24.43 24.14 5.88
N ARG B 370 24.42 24.63 4.65
CA ARG B 370 25.00 25.93 4.34
C ARG B 370 23.98 26.90 4.85
N ARG B 371 24.33 28.11 5.24
CA ARG B 371 25.62 28.58 5.63
C ARG B 371 25.11 28.90 7.02
N GLU B 372 25.45 28.04 7.98
CA GLU B 372 24.57 27.90 9.14
C GLU B 372 24.69 28.91 10.23
N GLU B 373 25.71 29.78 10.17
CA GLU B 373 25.76 30.91 11.11
C GLU B 373 24.63 31.84 10.83
N LEU B 374 23.93 31.61 9.73
CA LEU B 374 22.76 32.41 9.40
C LEU B 374 21.64 31.90 10.26
N LEU B 375 21.79 30.64 10.69
CA LEU B 375 20.77 29.96 11.49
C LEU B 375 21.22 29.75 12.93
N LEU B 376 22.47 29.33 13.13
CA LEU B 376 22.95 29.11 14.51
C LEU B 376 23.69 30.33 15.09
N ASP B 377 23.43 30.66 16.36
CA ASP B 377 24.19 31.72 17.02
C ASP B 377 25.59 31.23 17.25
N GLU B 378 26.51 32.17 17.45
CA GLU B 378 27.93 31.84 17.59
C GLU B 378 28.23 30.84 18.68
N GLU B 379 27.63 31.03 19.84
CA GLU B 379 27.84 30.12 20.96
C GLU B 379 27.57 28.67 20.56
N THR B 380 26.36 28.44 20.06
CA THR B 380 25.92 27.12 19.66
C THR B 380 26.81 26.50 18.60
N LEU B 381 27.21 27.33 17.65
CA LEU B 381 27.86 26.82 16.48
C LEU B 381 29.20 26.28 16.85
N LYS B 382 29.89 26.97 17.76
CA LYS B 382 31.21 26.54 18.20
C LYS B 382 31.18 25.21 18.95
N LYS B 383 30.18 25.05 19.78
CA LYS B 383 30.00 23.80 20.50
C LYS B 383 29.72 22.61 19.56
N VAL B 384 28.82 22.83 18.61
CA VAL B 384 28.49 21.81 17.63
C VAL B 384 29.72 21.45 16.83
N TRP B 385 30.57 22.44 16.59
CA TRP B 385 31.85 22.22 15.90
C TRP B 385 32.73 21.27 16.69
N LEU B 386 32.70 21.39 18.00
CA LEU B 386 33.51 20.53 18.85
C LEU B 386 32.91 19.14 18.85
N LEU B 387 31.59 19.08 19.04
CA LEU B 387 30.91 17.79 18.94
C LEU B 387 31.36 17.13 17.66
N ARG B 388 31.43 17.91 16.59
CA ARG B 388 31.89 17.34 15.32
C ARG B 388 33.29 16.76 15.37
N ARG B 389 34.26 17.53 15.84
CA ARG B 389 35.65 17.03 15.86
C ARG B 389 35.81 15.78 16.73
N MET B 390 35.18 15.75 17.90
CA MET B 390 35.18 14.53 18.65
C MET B 390 33.89 13.86 18.25
N LEU B 391 33.99 12.73 17.58
CA LEU B 391 32.85 12.21 16.83
C LEU B 391 33.42 11.88 15.49
N SER B 392 34.14 12.82 14.91
CA SER B 392 34.98 12.47 13.79
C SER B 392 36.17 11.63 14.27
N ALA B 393 36.35 11.56 15.58
CA ALA B 393 37.42 10.74 16.14
C ALA B 393 36.93 9.47 16.82
N MET B 394 35.69 9.09 16.56
CA MET B 394 35.17 7.81 17.06
C MET B 394 34.24 7.16 16.05
N THR B 395 34.00 5.86 16.19
CA THR B 395 33.07 5.17 15.31
C THR B 395 31.70 5.84 15.34
N GLU B 396 30.91 5.49 14.34
CA GLU B 396 29.59 6.06 14.13
C GLU B 396 28.72 5.67 15.29
N GLU B 397 28.71 4.38 15.57
CA GLU B 397 27.98 3.84 16.72
C GLU B 397 28.45 4.47 18.02
N GLU B 398 29.75 4.58 18.23
CA GLU B 398 30.15 5.33 19.41
C GLU B 398 29.58 6.73 19.30
N GLY B 399 29.50 7.24 18.07
CA GLY B 399 28.60 8.36 17.77
C GLY B 399 28.24 8.91 19.11
N LEU B 400 27.03 8.67 19.58
CA LEU B 400 25.81 8.62 18.82
C LEU B 400 24.64 8.37 19.77
N THR B 401 24.45 7.19 20.36
CA THR B 401 25.26 6.60 21.46
C THR B 401 25.71 7.61 22.48
N LEU B 402 26.95 8.09 22.40
CA LEU B 402 27.35 9.14 23.35
C LEU B 402 26.39 10.33 23.26
N ILE B 403 26.14 10.82 22.05
CA ILE B 403 25.29 11.99 21.90
C ILE B 403 23.88 11.68 22.34
N LEU B 404 23.38 10.52 21.93
CA LEU B 404 22.02 10.13 22.31
C LEU B 404 21.86 9.96 23.81
N ASN B 405 22.88 9.45 24.49
CA ASN B 405 22.88 9.44 25.96
C ASN B 405 22.78 10.82 26.58
N LYS B 406 23.63 11.75 26.15
CA LYS B 406 23.59 13.06 26.79
C LYS B 406 22.23 13.72 26.58
N LEU B 407 21.42 13.12 25.73
CA LEU B 407 20.22 13.80 25.28
C LEU B 407 18.91 13.53 26.02
N SER B 408 18.57 12.30 26.34
CA SER B 408 19.45 11.28 26.83
C SER B 408 19.13 11.68 28.24
N GLU B 409 20.01 12.47 28.83
CA GLU B 409 19.86 12.93 30.19
C GLU B 409 19.56 14.41 30.33
N THR B 410 19.02 15.04 29.29
CA THR B 410 18.82 16.48 29.34
C THR B 410 17.45 16.91 28.85
N SER B 411 16.85 17.87 29.55
CA SER B 411 15.49 18.24 29.27
C SER B 411 15.37 19.26 28.14
N SER B 412 16.49 19.60 27.52
CA SER B 412 16.47 20.50 26.39
C SER B 412 17.83 20.61 25.75
N ASN B 413 17.85 21.02 24.49
CA ASN B 413 19.11 21.24 23.82
C ASN B 413 19.90 22.35 24.53
N GLU B 414 19.16 23.33 25.05
CA GLU B 414 19.68 24.36 25.92
C GLU B 414 20.58 23.80 27.00
N GLU B 415 20.01 22.93 27.84
CA GLU B 415 20.74 22.30 28.94
C GLU B 415 21.87 21.43 28.42
N PHE B 416 21.56 20.61 27.42
CA PHE B 416 22.57 19.78 26.80
C PHE B 416 23.76 20.66 26.44
N LEU B 417 23.50 21.87 25.97
CA LEU B 417 24.57 22.75 25.53
C LEU B 417 25.35 23.33 26.72
N LYS B 418 24.64 23.64 27.79
CA LYS B 418 25.27 24.08 29.03
C LYS B 418 26.39 23.13 29.43
N LEU B 419 26.21 21.84 29.15
CA LEU B 419 27.17 20.83 29.57
C LEU B 419 28.34 20.71 28.63
N ILE B 420 28.56 21.72 27.80
CA ILE B 420 29.77 21.74 26.99
C ILE B 420 30.53 23.02 27.21
#